data_6BNR
#
_entry.id   6BNR
#
_cell.length_a   62.817
_cell.length_b   83.550
_cell.length_c   104.915
_cell.angle_alpha   90.00
_cell.angle_beta   90.00
_cell.angle_gamma   90.00
#
_symmetry.space_group_name_H-M   'P 21 21 21'
#
loop_
_entity.id
_entity.type
_entity.pdbx_description
1 polymer 'Hemoglobin subunit alpha'
2 polymer 'Hemoglobin subunit beta'
3 non-polymer 'CARBON MONOXIDE'
4 non-polymer 'PROTOPORPHYRIN IX CONTAINING FE'
5 non-polymer 2-[(4-methoxy-2-methylphenoxy)methyl]pyridine
6 water water
#
loop_
_entity_poly.entity_id
_entity_poly.type
_entity_poly.pdbx_seq_one_letter_code
_entity_poly.pdbx_strand_id
1 'polypeptide(L)'
;VLSPADKTNVKAAWGKVGAHAGEYGAEALERMFLSFPTTKTYFPHFDLSHGSAQVKGHGKKVADALTNAVAHVDDMPNAL
SALSDLHAHKLRVDPVNFKLLSHCLLVTLAAHLPAEFTPAVHASLDKFLASVSTVLTSKYR
;
A,C
2 'polypeptide(L)'
;VHLTPEEKSAVTALWGKVNVDEVGGEALGRLLVVYPWTQRFFESFGDLSTPDAVMGNPKVKAHGKKVLGAFSDGLAHLDN
LKGTFATLSELHCDKLHVDPENFRLLGNVLVCVLAHHFGKEFTPPVQAAYQKVVAGVANALAHKYH
;
B,D
#
loop_
_chem_comp.id
_chem_comp.type
_chem_comp.name
_chem_comp.formula
CMO non-polymer 'CARBON MONOXIDE' 'C O'
E0J non-polymer 2-[(4-methoxy-2-methylphenoxy)methyl]pyridine 'C14 H15 N O2'
HEM non-polymer 'PROTOPORPHYRIN IX CONTAINING FE' 'C34 H32 Fe N4 O4'
#
# COMPACT_ATOMS: atom_id res chain seq x y z
N VAL A 1 1.54 14.95 -1.73
CA VAL A 1 1.79 16.38 -1.86
C VAL A 1 2.76 16.68 -3.00
N LEU A 2 2.27 17.44 -3.97
CA LEU A 2 3.06 17.82 -5.15
C LEU A 2 3.87 19.09 -4.95
N SER A 3 5.12 19.06 -5.40
CA SER A 3 5.99 20.21 -5.27
C SER A 3 5.73 21.09 -6.48
N PRO A 4 6.22 22.33 -6.45
CA PRO A 4 6.00 23.19 -7.62
C PRO A 4 6.62 22.53 -8.86
N ALA A 5 7.73 21.82 -8.65
CA ALA A 5 8.41 21.12 -9.73
C ALA A 5 7.57 19.96 -10.25
N ASP A 6 6.90 19.22 -9.35
CA ASP A 6 6.06 18.11 -9.79
C ASP A 6 4.95 18.65 -10.70
N LYS A 7 4.38 19.77 -10.29
CA LYS A 7 3.30 20.40 -11.04
C LYS A 7 3.68 20.78 -12.46
N THR A 8 4.87 21.38 -12.64
CA THR A 8 5.32 21.77 -13.97
C THR A 8 5.74 20.54 -14.78
N ASN A 9 6.28 19.52 -14.12
CA ASN A 9 6.66 18.30 -14.83
C ASN A 9 5.42 17.61 -15.39
N VAL A 10 4.34 17.59 -14.62
CA VAL A 10 3.12 16.94 -15.07
C VAL A 10 2.44 17.71 -16.21
N LYS A 11 2.39 19.04 -16.09
CA LYS A 11 1.76 19.85 -17.13
C LYS A 11 2.50 19.77 -18.45
N ALA A 12 3.84 19.77 -18.40
CA ALA A 12 4.64 19.68 -19.61
C ALA A 12 4.47 18.31 -20.26
N ALA A 13 4.57 17.26 -19.44
CA ALA A 13 4.45 15.89 -19.93
C ALA A 13 3.05 15.57 -20.44
N TRP A 14 2.05 15.79 -19.60
CA TRP A 14 0.69 15.48 -19.99
C TRP A 14 0.23 16.34 -21.15
N GLY A 15 0.77 17.56 -21.25
CA GLY A 15 0.41 18.43 -22.35
C GLY A 15 0.81 17.85 -23.69
N LYS A 16 1.68 16.83 -23.66
CA LYS A 16 2.13 16.18 -24.90
C LYS A 16 1.10 15.19 -25.42
N VAL A 17 0.28 14.66 -24.52
CA VAL A 17 -0.75 13.71 -24.93
C VAL A 17 -1.66 14.40 -25.92
N GLY A 18 -1.95 15.68 -25.66
CA GLY A 18 -2.80 16.47 -26.53
C GLY A 18 -3.97 15.74 -27.14
N ALA A 19 -3.98 15.62 -28.47
CA ALA A 19 -5.05 14.97 -29.19
C ALA A 19 -4.93 13.44 -29.18
N HIS A 20 -4.02 12.93 -28.36
CA HIS A 20 -3.82 11.49 -28.25
C HIS A 20 -4.51 10.98 -26.98
N ALA A 21 -5.17 11.89 -26.28
CA ALA A 21 -5.88 11.56 -25.04
C ALA A 21 -6.68 10.26 -25.13
N GLY A 22 -7.57 10.18 -26.11
CA GLY A 22 -8.40 9.00 -26.29
C GLY A 22 -7.60 7.74 -26.60
N GLU A 23 -6.58 7.89 -27.43
CA GLU A 23 -5.73 6.77 -27.82
C GLU A 23 -4.99 6.26 -26.57
N TYR A 24 -4.37 7.19 -25.86
CA TYR A 24 -3.59 6.87 -24.67
C TYR A 24 -4.45 6.34 -23.53
N GLY A 25 -5.60 6.98 -23.30
CA GLY A 25 -6.50 6.53 -22.25
C GLY A 25 -7.00 5.13 -22.54
N ALA A 26 -7.37 4.88 -23.79
CA ALA A 26 -7.87 3.57 -24.21
C ALA A 26 -6.80 2.52 -24.04
N GLU A 27 -5.57 2.85 -24.42
CA GLU A 27 -4.45 1.92 -24.31
C GLU A 27 -4.14 1.59 -22.85
N ALA A 28 -4.20 2.59 -21.98
CA ALA A 28 -3.92 2.36 -20.57
C ALA A 28 -4.98 1.39 -20.02
N LEU A 29 -6.24 1.60 -20.41
CA LEU A 29 -7.30 0.72 -19.95
C LEU A 29 -7.08 -0.70 -20.49
N GLU A 30 -6.72 -0.79 -21.77
CA GLU A 30 -6.47 -2.10 -22.37
C GLU A 30 -5.31 -2.81 -21.66
N ARG A 31 -4.26 -2.06 -21.31
CA ARG A 31 -3.12 -2.64 -20.63
C ARG A 31 -3.53 -3.16 -19.26
N MET A 32 -4.38 -2.41 -18.58
CA MET A 32 -4.85 -2.82 -17.27
C MET A 32 -5.74 -4.06 -17.36
N PHE A 33 -6.71 -4.04 -18.28
CA PHE A 33 -7.61 -5.19 -18.44
C PHE A 33 -6.87 -6.49 -18.79
N LEU A 34 -5.85 -6.41 -19.64
CA LEU A 34 -5.11 -7.60 -20.05
C LEU A 34 -4.10 -8.09 -19.03
N SER A 35 -3.39 -7.16 -18.39
CA SER A 35 -2.38 -7.50 -17.42
C SER A 35 -2.95 -7.85 -16.05
N PHE A 36 -4.06 -7.21 -15.68
CA PHE A 36 -4.69 -7.45 -14.39
C PHE A 36 -6.18 -7.76 -14.60
N PRO A 37 -6.47 -8.97 -15.08
CA PRO A 37 -7.82 -9.49 -15.37
C PRO A 37 -8.87 -9.15 -14.32
N THR A 38 -8.48 -9.18 -13.05
CA THR A 38 -9.41 -8.89 -11.98
C THR A 38 -10.06 -7.51 -12.10
N THR A 39 -9.36 -6.55 -12.70
CA THR A 39 -9.94 -5.21 -12.83
C THR A 39 -11.19 -5.18 -13.74
N LYS A 40 -11.36 -6.22 -14.54
CA LYS A 40 -12.50 -6.31 -15.45
C LYS A 40 -13.83 -6.44 -14.72
N THR A 41 -13.82 -7.06 -13.54
CA THR A 41 -15.05 -7.25 -12.77
C THR A 41 -15.76 -5.94 -12.43
N TYR A 42 -15.09 -4.81 -12.65
CA TYR A 42 -15.70 -3.52 -12.37
C TYR A 42 -16.49 -3.03 -13.57
N PHE A 43 -16.27 -3.65 -14.73
CA PHE A 43 -16.98 -3.26 -15.94
C PHE A 43 -17.71 -4.47 -16.53
N PRO A 44 -18.55 -5.13 -15.72
CA PRO A 44 -19.29 -6.30 -16.19
C PRO A 44 -20.22 -6.02 -17.37
N HIS A 45 -20.71 -4.79 -17.47
CA HIS A 45 -21.64 -4.41 -18.54
C HIS A 45 -20.94 -3.90 -19.80
N PHE A 46 -19.61 -3.85 -19.74
CA PHE A 46 -18.79 -3.37 -20.86
C PHE A 46 -18.38 -4.44 -21.84
N ASP A 47 -18.18 -4.01 -23.08
CA ASP A 47 -17.67 -4.89 -24.12
C ASP A 47 -16.17 -4.71 -23.87
N LEU A 48 -15.49 -5.73 -23.37
CA LEU A 48 -14.06 -5.60 -23.11
C LEU A 48 -13.13 -6.29 -24.10
N SER A 49 -13.62 -6.53 -25.31
CA SER A 49 -12.82 -7.17 -26.35
C SER A 49 -11.88 -6.10 -26.90
N HIS A 50 -10.68 -6.51 -27.32
CA HIS A 50 -9.71 -5.56 -27.85
C HIS A 50 -10.27 -4.77 -29.02
N GLY A 51 -10.08 -3.46 -28.98
CA GLY A 51 -10.58 -2.61 -30.05
C GLY A 51 -12.01 -2.18 -29.75
N SER A 52 -12.54 -2.69 -28.64
CA SER A 52 -13.90 -2.34 -28.22
C SER A 52 -14.12 -0.84 -28.30
N ALA A 53 -15.24 -0.43 -28.87
CA ALA A 53 -15.56 1.00 -28.99
C ALA A 53 -15.92 1.57 -27.63
N GLN A 54 -16.55 0.75 -26.79
CA GLN A 54 -16.94 1.21 -25.46
C GLN A 54 -15.69 1.59 -24.68
N VAL A 55 -14.67 0.75 -24.75
CA VAL A 55 -13.41 1.01 -24.06
C VAL A 55 -12.72 2.24 -24.66
N LYS A 56 -12.82 2.36 -25.98
CA LYS A 56 -12.22 3.50 -26.67
C LYS A 56 -12.85 4.78 -26.14
N GLY A 57 -14.17 4.79 -26.04
CA GLY A 57 -14.87 5.96 -25.55
C GLY A 57 -14.57 6.23 -24.09
N HIS A 58 -14.50 5.17 -23.30
CA HIS A 58 -14.24 5.32 -21.89
C HIS A 58 -12.82 5.82 -21.66
N GLY A 59 -11.88 5.38 -22.50
CA GLY A 59 -10.51 5.81 -22.38
C GLY A 59 -10.42 7.31 -22.54
N LYS A 60 -11.23 7.85 -23.45
CA LYS A 60 -11.29 9.27 -23.72
C LYS A 60 -11.78 10.02 -22.49
N LYS A 61 -12.77 9.44 -21.81
CA LYS A 61 -13.31 10.07 -20.62
C LYS A 61 -12.24 10.12 -19.54
N VAL A 62 -11.53 9.01 -19.35
CA VAL A 62 -10.47 8.94 -18.33
C VAL A 62 -9.37 9.96 -18.63
N ALA A 63 -8.89 9.96 -19.87
CA ALA A 63 -7.85 10.90 -20.26
C ALA A 63 -8.28 12.34 -20.04
N ASP A 64 -9.53 12.67 -20.39
CA ASP A 64 -10.01 14.05 -20.22
C ASP A 64 -10.11 14.44 -18.75
N ALA A 65 -10.49 13.48 -17.90
CA ALA A 65 -10.59 13.76 -16.46
C ALA A 65 -9.18 14.08 -15.93
N LEU A 66 -8.18 13.36 -16.42
CA LEU A 66 -6.81 13.62 -16.00
C LEU A 66 -6.40 15.02 -16.45
N THR A 67 -6.74 15.35 -17.69
CA THR A 67 -6.43 16.67 -18.23
C THR A 67 -7.04 17.72 -17.30
N ASN A 68 -8.27 17.49 -16.85
CA ASN A 68 -8.92 18.44 -15.95
C ASN A 68 -8.19 18.47 -14.60
N ALA A 69 -7.79 17.29 -14.13
CA ALA A 69 -7.08 17.19 -12.87
C ALA A 69 -5.79 18.03 -12.93
N VAL A 70 -5.08 17.92 -14.04
CA VAL A 70 -3.85 18.67 -14.21
C VAL A 70 -4.13 20.17 -14.14
N ALA A 71 -5.23 20.58 -14.78
CA ALA A 71 -5.61 21.99 -14.80
C ALA A 71 -5.98 22.52 -13.42
N HIS A 72 -6.57 21.67 -12.58
CA HIS A 72 -6.96 22.08 -11.23
C HIS A 72 -6.13 21.37 -10.19
N VAL A 73 -4.85 21.20 -10.50
CA VAL A 73 -3.92 20.52 -9.61
C VAL A 73 -3.89 21.11 -8.19
N ASP A 74 -4.26 22.37 -8.06
CA ASP A 74 -4.24 23.01 -6.73
C ASP A 74 -5.57 22.94 -5.97
N ASP A 75 -6.58 22.34 -6.58
CA ASP A 75 -7.88 22.18 -5.93
C ASP A 75 -8.56 20.94 -6.52
N MET A 76 -7.85 19.83 -6.47
CA MET A 76 -8.34 18.57 -6.99
C MET A 76 -9.56 18.03 -6.25
N PRO A 77 -9.54 18.06 -4.91
CA PRO A 77 -10.70 17.54 -4.19
C PRO A 77 -11.97 18.24 -4.67
N ASN A 78 -11.88 19.53 -4.89
CA ASN A 78 -13.02 20.30 -5.35
C ASN A 78 -13.37 19.92 -6.80
N ALA A 79 -12.39 20.01 -7.69
CA ALA A 79 -12.57 19.70 -9.10
C ALA A 79 -12.97 18.26 -9.41
N LEU A 80 -12.56 17.33 -8.55
CA LEU A 80 -12.86 15.92 -8.79
C LEU A 80 -13.93 15.31 -7.88
N SER A 81 -14.63 16.15 -7.12
CA SER A 81 -15.65 15.66 -6.20
C SER A 81 -16.69 14.77 -6.87
N ALA A 82 -17.05 15.08 -8.11
CA ALA A 82 -18.03 14.27 -8.83
C ALA A 82 -17.50 12.85 -9.09
N LEU A 83 -16.21 12.75 -9.43
CA LEU A 83 -15.61 11.45 -9.70
C LEU A 83 -15.36 10.69 -8.40
N SER A 84 -15.16 11.45 -7.31
CA SER A 84 -14.94 10.85 -6.00
C SER A 84 -16.25 10.16 -5.61
N ASP A 85 -17.36 10.85 -5.83
CA ASP A 85 -18.66 10.28 -5.51
C ASP A 85 -18.88 8.99 -6.31
N LEU A 86 -18.49 9.01 -7.59
CA LEU A 86 -18.64 7.82 -8.42
C LEU A 86 -17.76 6.64 -8.02
N HIS A 87 -16.46 6.87 -7.86
CA HIS A 87 -15.54 5.79 -7.52
C HIS A 87 -15.50 5.35 -6.05
N ALA A 88 -15.67 6.29 -5.11
CA ALA A 88 -15.62 5.95 -3.69
C ALA A 88 -16.99 5.69 -3.08
N HIS A 89 -17.95 6.55 -3.37
CA HIS A 89 -19.30 6.40 -2.84
C HIS A 89 -20.15 5.34 -3.53
N LYS A 90 -20.15 5.35 -4.87
CA LYS A 90 -20.96 4.41 -5.63
C LYS A 90 -20.31 3.09 -6.02
N LEU A 91 -19.16 3.16 -6.67
CA LEU A 91 -18.46 1.97 -7.13
C LEU A 91 -17.66 1.24 -6.06
N ARG A 92 -17.22 1.97 -5.03
CA ARG A 92 -16.43 1.37 -3.97
C ARG A 92 -15.25 0.63 -4.57
N VAL A 93 -14.51 1.30 -5.45
CA VAL A 93 -13.37 0.68 -6.09
C VAL A 93 -12.24 0.47 -5.09
N ASP A 94 -11.69 -0.74 -5.05
CA ASP A 94 -10.60 -1.03 -4.13
C ASP A 94 -9.39 -0.22 -4.56
N PRO A 95 -8.73 0.47 -3.61
CA PRO A 95 -7.56 1.28 -3.89
C PRO A 95 -6.46 0.58 -4.70
N VAL A 96 -6.28 -0.72 -4.49
CA VAL A 96 -5.25 -1.42 -5.25
C VAL A 96 -5.44 -1.22 -6.76
N ASN A 97 -6.70 -1.20 -7.20
CA ASN A 97 -7.02 -1.03 -8.61
C ASN A 97 -6.52 0.29 -9.19
N PHE A 98 -6.48 1.34 -8.38
CA PHE A 98 -6.00 2.62 -8.88
C PHE A 98 -4.50 2.56 -9.10
N LYS A 99 -3.81 1.75 -8.29
CA LYS A 99 -2.37 1.58 -8.43
C LYS A 99 -2.06 0.82 -9.72
N LEU A 100 -2.94 -0.10 -10.08
CA LEU A 100 -2.74 -0.87 -11.29
C LEU A 100 -2.97 0.00 -12.52
N LEU A 101 -3.99 0.87 -12.46
CA LEU A 101 -4.25 1.75 -13.59
C LEU A 101 -3.14 2.80 -13.74
N SER A 102 -2.73 3.39 -12.62
CA SER A 102 -1.67 4.40 -12.62
C SER A 102 -0.42 3.79 -13.26
N HIS A 103 -0.07 2.56 -12.87
CA HIS A 103 1.09 1.89 -13.46
C HIS A 103 0.94 1.76 -14.98
N CYS A 104 -0.26 1.39 -15.45
CA CYS A 104 -0.49 1.23 -16.89
C CYS A 104 -0.51 2.56 -17.65
N LEU A 105 -0.84 3.64 -16.96
CA LEU A 105 -0.83 4.96 -17.57
C LEU A 105 0.64 5.38 -17.72
N LEU A 106 1.46 5.00 -16.74
CA LEU A 106 2.89 5.33 -16.79
C LEU A 106 3.54 4.57 -17.94
N VAL A 107 3.18 3.28 -18.06
CA VAL A 107 3.72 2.44 -19.12
C VAL A 107 3.35 3.00 -20.48
N THR A 108 2.12 3.47 -20.61
CA THR A 108 1.63 4.02 -21.87
C THR A 108 2.42 5.28 -22.21
N LEU A 109 2.58 6.16 -21.23
CA LEU A 109 3.31 7.40 -21.43
C LEU A 109 4.78 7.11 -21.77
N ALA A 110 5.35 6.09 -21.13
CA ALA A 110 6.75 5.74 -21.40
C ALA A 110 6.91 5.17 -22.81
N ALA A 111 5.91 4.41 -23.27
CA ALA A 111 5.97 3.80 -24.60
C ALA A 111 5.80 4.83 -25.72
N HIS A 112 5.03 5.88 -25.46
CA HIS A 112 4.76 6.92 -26.45
C HIS A 112 5.54 8.22 -26.33
N LEU A 113 5.98 8.56 -25.12
CA LEU A 113 6.70 9.80 -24.91
C LEU A 113 8.06 9.54 -24.24
N PRO A 114 8.93 8.79 -24.91
CA PRO A 114 10.26 8.46 -24.38
C PRO A 114 11.10 9.66 -23.94
N ALA A 115 10.99 10.77 -24.69
CA ALA A 115 11.75 11.97 -24.39
C ALA A 115 11.21 12.71 -23.17
N GLU A 116 9.92 12.54 -22.92
CA GLU A 116 9.27 13.19 -21.80
C GLU A 116 9.43 12.40 -20.50
N PHE A 117 9.44 11.08 -20.63
CA PHE A 117 9.52 10.18 -19.49
C PHE A 117 10.92 10.05 -18.85
N THR A 118 11.40 11.14 -18.24
CA THR A 118 12.70 11.12 -17.58
C THR A 118 12.49 10.58 -16.16
N PRO A 119 13.57 10.28 -15.44
CA PRO A 119 13.37 9.76 -14.08
C PRO A 119 12.58 10.73 -13.19
N ALA A 120 12.92 12.02 -13.26
CA ALA A 120 12.24 13.02 -12.46
C ALA A 120 10.77 13.18 -12.86
N VAL A 121 10.50 13.19 -14.17
CA VAL A 121 9.14 13.32 -14.67
C VAL A 121 8.33 12.08 -14.30
N HIS A 122 8.96 10.92 -14.43
CA HIS A 122 8.33 9.67 -14.08
C HIS A 122 7.94 9.77 -12.58
N ALA A 123 8.81 10.35 -11.77
CA ALA A 123 8.55 10.51 -10.33
C ALA A 123 7.35 11.43 -10.05
N SER A 124 7.28 12.56 -10.74
CA SER A 124 6.18 13.51 -10.57
C SER A 124 4.85 12.94 -11.05
N LEU A 125 4.88 12.21 -12.16
CA LEU A 125 3.69 11.59 -12.72
C LEU A 125 3.14 10.54 -11.75
N ASP A 126 4.03 9.75 -11.17
CA ASP A 126 3.60 8.75 -10.22
C ASP A 126 2.89 9.42 -9.03
N LYS A 127 3.55 10.42 -8.44
CA LYS A 127 2.98 11.14 -7.30
C LYS A 127 1.63 11.76 -7.69
N PHE A 128 1.57 12.32 -8.89
CA PHE A 128 0.34 12.94 -9.38
C PHE A 128 -0.79 11.93 -9.46
N LEU A 129 -0.52 10.79 -10.09
CA LEU A 129 -1.54 9.75 -10.22
C LEU A 129 -1.93 9.19 -8.85
N ALA A 130 -0.97 9.15 -7.93
CA ALA A 130 -1.25 8.66 -6.58
C ALA A 130 -2.22 9.62 -5.88
N SER A 131 -2.03 10.92 -6.13
CA SER A 131 -2.87 11.97 -5.55
C SER A 131 -4.29 11.88 -6.10
N VAL A 132 -4.38 11.71 -7.42
CA VAL A 132 -5.68 11.58 -8.08
C VAL A 132 -6.38 10.36 -7.51
N SER A 133 -5.62 9.28 -7.31
CA SER A 133 -6.19 8.05 -6.76
C SER A 133 -6.74 8.27 -5.36
N THR A 134 -5.98 8.94 -4.51
CA THR A 134 -6.41 9.20 -3.14
C THR A 134 -7.73 9.95 -3.11
N VAL A 135 -7.85 10.98 -3.95
CA VAL A 135 -9.07 11.76 -4.01
C VAL A 135 -10.28 10.96 -4.51
N LEU A 136 -10.09 10.16 -5.55
CA LEU A 136 -11.18 9.36 -6.10
C LEU A 136 -11.63 8.21 -5.19
N THR A 137 -10.75 7.78 -4.28
CA THR A 137 -11.10 6.70 -3.36
C THR A 137 -11.49 7.19 -1.97
N SER A 138 -11.45 8.50 -1.75
CA SER A 138 -11.82 9.08 -0.47
C SER A 138 -13.22 9.67 -0.42
N LYS A 139 -13.92 9.45 0.70
CA LYS A 139 -15.26 9.98 0.89
C LYS A 139 -15.06 11.19 1.81
N TYR A 140 -15.06 12.38 1.21
CA TYR A 140 -14.82 13.61 1.96
C TYR A 140 -15.95 14.61 1.88
N ARG A 141 -17.12 14.15 1.49
CA ARG A 141 -18.28 15.03 1.38
C ARG A 141 -19.31 14.63 2.42
N VAL B 1 5.14 -19.80 -13.04
CA VAL B 1 4.29 -18.84 -13.80
C VAL B 1 3.77 -19.48 -15.08
N HIS B 2 2.51 -19.21 -15.40
CA HIS B 2 1.89 -19.77 -16.59
C HIS B 2 1.91 -18.82 -17.78
N LEU B 3 2.77 -19.14 -18.76
CA LEU B 3 2.87 -18.34 -19.96
C LEU B 3 2.53 -19.20 -21.15
N THR B 4 1.63 -18.72 -22.00
CA THR B 4 1.26 -19.45 -23.18
C THR B 4 2.52 -19.49 -24.05
N PRO B 5 2.66 -20.51 -24.90
CA PRO B 5 3.85 -20.57 -25.73
C PRO B 5 3.99 -19.33 -26.61
N GLU B 6 2.87 -18.70 -26.93
CA GLU B 6 2.88 -17.49 -27.75
C GLU B 6 3.46 -16.34 -26.93
N GLU B 7 3.12 -16.32 -25.64
CA GLU B 7 3.63 -15.29 -24.74
C GLU B 7 5.10 -15.53 -24.49
N LYS B 8 5.50 -16.80 -24.47
CA LYS B 8 6.89 -17.15 -24.24
C LYS B 8 7.76 -16.58 -25.36
N SER B 9 7.31 -16.80 -26.59
CA SER B 9 8.04 -16.32 -27.76
C SER B 9 8.16 -14.79 -27.75
N ALA B 10 7.04 -14.12 -27.50
CA ALA B 10 7.05 -12.65 -27.48
C ALA B 10 8.02 -12.16 -26.40
N VAL B 11 7.94 -12.77 -25.21
CA VAL B 11 8.81 -12.40 -24.10
C VAL B 11 10.28 -12.61 -24.47
N THR B 12 10.62 -13.83 -24.86
CA THR B 12 12.00 -14.19 -25.23
C THR B 12 12.55 -13.28 -26.34
N ALA B 13 11.73 -13.03 -27.35
CA ALA B 13 12.15 -12.17 -28.46
C ALA B 13 12.52 -10.79 -27.94
N LEU B 14 11.66 -10.20 -27.12
CA LEU B 14 11.93 -8.88 -26.58
C LEU B 14 13.17 -8.86 -25.68
N TRP B 15 13.24 -9.82 -24.76
CA TRP B 15 14.36 -9.90 -23.83
C TRP B 15 15.70 -10.06 -24.54
N GLY B 16 15.69 -10.79 -25.65
CA GLY B 16 16.90 -11.00 -26.41
C GLY B 16 17.48 -9.72 -26.97
N LYS B 17 16.66 -8.68 -27.05
CA LYS B 17 17.11 -7.39 -27.57
C LYS B 17 17.48 -6.42 -26.45
N VAL B 18 17.26 -6.83 -25.21
CA VAL B 18 17.57 -5.97 -24.06
C VAL B 18 19.05 -5.64 -23.92
N ASN B 19 19.35 -4.36 -23.71
CA ASN B 19 20.71 -3.86 -23.52
C ASN B 19 21.04 -4.21 -22.05
N VAL B 20 21.76 -5.30 -21.83
CA VAL B 20 22.09 -5.75 -20.48
C VAL B 20 23.02 -4.83 -19.70
N ASP B 21 23.64 -3.88 -20.39
CA ASP B 21 24.53 -2.95 -19.70
C ASP B 21 23.80 -1.73 -19.15
N GLU B 22 22.63 -1.42 -19.71
CA GLU B 22 21.89 -0.24 -19.27
C GLU B 22 20.51 -0.45 -18.61
N VAL B 23 19.69 -1.33 -19.17
CA VAL B 23 18.35 -1.57 -18.64
C VAL B 23 18.29 -1.80 -17.13
N GLY B 24 19.17 -2.65 -16.63
CA GLY B 24 19.18 -2.92 -15.20
C GLY B 24 19.47 -1.67 -14.36
N GLY B 25 20.52 -0.94 -14.71
CA GLY B 25 20.85 0.26 -13.97
C GLY B 25 19.74 1.30 -14.04
N GLU B 26 19.03 1.34 -15.16
CA GLU B 26 17.94 2.29 -15.34
C GLU B 26 16.72 1.94 -14.48
N ALA B 27 16.44 0.65 -14.32
CA ALA B 27 15.31 0.24 -13.51
C ALA B 27 15.64 0.52 -12.04
N LEU B 28 16.82 0.10 -11.59
CA LEU B 28 17.22 0.32 -10.20
C LEU B 28 17.32 1.83 -9.94
N GLY B 29 17.85 2.55 -10.93
CA GLY B 29 17.98 3.99 -10.81
C GLY B 29 16.63 4.67 -10.64
N ARG B 30 15.68 4.35 -11.52
CA ARG B 30 14.35 4.94 -11.44
C ARG B 30 13.66 4.57 -10.13
N LEU B 31 13.97 3.40 -9.59
CA LEU B 31 13.38 3.00 -8.32
C LEU B 31 13.82 3.95 -7.22
N LEU B 32 15.12 4.21 -7.14
CA LEU B 32 15.69 5.10 -6.13
C LEU B 32 15.17 6.51 -6.29
N VAL B 33 14.85 6.90 -7.51
CA VAL B 33 14.37 8.23 -7.79
C VAL B 33 12.87 8.38 -7.53
N VAL B 34 12.08 7.41 -7.99
CA VAL B 34 10.63 7.47 -7.81
C VAL B 34 10.17 7.11 -6.39
N TYR B 35 10.92 6.25 -5.71
CA TYR B 35 10.58 5.83 -4.35
C TYR B 35 11.86 6.05 -3.52
N PRO B 36 12.18 7.32 -3.23
CA PRO B 36 13.36 7.76 -2.47
C PRO B 36 13.78 6.94 -1.26
N TRP B 37 12.82 6.46 -0.50
CA TRP B 37 13.13 5.67 0.68
C TRP B 37 13.94 4.41 0.37
N THR B 38 13.90 3.93 -0.87
CA THR B 38 14.65 2.73 -1.23
C THR B 38 16.15 3.03 -1.22
N GLN B 39 16.49 4.30 -1.41
CA GLN B 39 17.88 4.76 -1.42
C GLN B 39 18.58 4.38 -0.11
N ARG B 40 17.80 4.40 0.97
CA ARG B 40 18.31 4.08 2.30
C ARG B 40 18.98 2.70 2.38
N PHE B 41 18.76 1.87 1.37
CA PHE B 41 19.34 0.53 1.36
C PHE B 41 20.68 0.52 0.60
N PHE B 42 20.97 1.60 -0.11
CA PHE B 42 22.19 1.72 -0.90
C PHE B 42 23.03 2.92 -0.46
N GLU B 43 23.27 3.01 0.85
CA GLU B 43 24.04 4.12 1.40
C GLU B 43 25.51 4.03 0.99
N SER B 44 26.00 2.81 0.79
CA SER B 44 27.37 2.58 0.39
C SER B 44 27.62 2.94 -1.09
N PHE B 45 26.55 3.15 -1.84
CA PHE B 45 26.66 3.47 -3.27
C PHE B 45 27.07 4.89 -3.63
N GLY B 46 27.41 5.70 -2.63
CA GLY B 46 27.84 7.05 -2.92
C GLY B 46 26.77 8.07 -3.20
N ASP B 47 27.03 8.92 -4.18
CA ASP B 47 26.13 10.00 -4.55
C ASP B 47 24.80 9.58 -5.16
N LEU B 48 23.73 9.89 -4.43
CA LEU B 48 22.37 9.58 -4.86
C LEU B 48 21.55 10.86 -4.62
N SER B 49 22.27 11.95 -4.44
CA SER B 49 21.66 13.25 -4.16
C SER B 49 20.58 13.70 -5.14
N THR B 50 20.86 13.59 -6.43
CA THR B 50 19.90 14.01 -7.45
C THR B 50 19.59 12.88 -8.45
N PRO B 51 18.55 13.06 -9.27
CA PRO B 51 18.20 12.02 -10.25
C PRO B 51 19.38 11.69 -11.16
N ASP B 52 19.95 12.71 -11.81
CA ASP B 52 21.08 12.52 -12.71
C ASP B 52 22.23 11.80 -12.00
N ALA B 53 22.48 12.19 -10.75
CA ALA B 53 23.53 11.57 -9.97
C ALA B 53 23.22 10.08 -9.81
N VAL B 54 21.97 9.77 -9.46
CA VAL B 54 21.53 8.39 -9.29
C VAL B 54 21.67 7.57 -10.58
N MET B 55 21.16 8.10 -11.68
CA MET B 55 21.21 7.41 -12.95
C MET B 55 22.62 7.20 -13.50
N GLY B 56 23.49 8.18 -13.30
CA GLY B 56 24.85 8.07 -13.80
C GLY B 56 25.80 7.37 -12.86
N ASN B 57 25.32 7.04 -11.66
CA ASN B 57 26.16 6.39 -10.67
C ASN B 57 26.65 5.01 -11.10
N PRO B 58 27.99 4.85 -11.22
CA PRO B 58 28.63 3.59 -11.61
C PRO B 58 28.20 2.38 -10.78
N LYS B 59 28.07 2.57 -9.47
CA LYS B 59 27.67 1.49 -8.59
C LYS B 59 26.21 1.09 -8.80
N VAL B 60 25.39 2.07 -9.16
CA VAL B 60 23.97 1.79 -9.41
C VAL B 60 23.86 0.97 -10.69
N LYS B 61 24.57 1.40 -11.73
CA LYS B 61 24.55 0.72 -13.02
C LYS B 61 25.07 -0.71 -12.90
N ALA B 62 26.15 -0.89 -12.14
CA ALA B 62 26.72 -2.21 -11.96
C ALA B 62 25.75 -3.08 -11.16
N HIS B 63 25.12 -2.49 -10.15
CA HIS B 63 24.19 -3.26 -9.36
C HIS B 63 22.94 -3.59 -10.17
N GLY B 64 22.46 -2.62 -10.94
CA GLY B 64 21.29 -2.86 -11.77
C GLY B 64 21.56 -4.02 -12.72
N LYS B 65 22.78 -4.09 -13.23
CA LYS B 65 23.14 -5.16 -14.14
C LYS B 65 22.96 -6.52 -13.47
N LYS B 66 23.29 -6.63 -12.19
CA LYS B 66 23.12 -7.89 -11.47
C LYS B 66 21.62 -8.18 -11.33
N VAL B 67 20.86 -7.15 -11.00
CA VAL B 67 19.41 -7.30 -10.86
C VAL B 67 18.87 -7.82 -12.18
N LEU B 68 19.32 -7.21 -13.28
CA LEU B 68 18.87 -7.64 -14.59
C LEU B 68 19.21 -9.11 -14.79
N GLY B 69 20.43 -9.48 -14.37
CA GLY B 69 20.86 -10.86 -14.49
C GLY B 69 19.97 -11.80 -13.71
N ALA B 70 19.48 -11.33 -12.57
CA ALA B 70 18.59 -12.12 -11.74
C ALA B 70 17.27 -12.37 -12.50
N PHE B 71 16.76 -11.35 -13.18
CA PHE B 71 15.52 -11.51 -13.94
C PHE B 71 15.74 -12.46 -15.12
N SER B 72 16.95 -12.46 -15.68
CA SER B 72 17.28 -13.33 -16.80
C SER B 72 17.26 -14.79 -16.37
N ASP B 73 17.79 -15.06 -15.18
CA ASP B 73 17.81 -16.43 -14.68
C ASP B 73 16.40 -16.89 -14.36
N GLY B 74 15.55 -15.96 -13.94
CA GLY B 74 14.17 -16.30 -13.62
C GLY B 74 13.45 -16.69 -14.89
N LEU B 75 13.72 -15.95 -15.96
CA LEU B 75 13.09 -16.22 -17.25
C LEU B 75 13.51 -17.59 -17.79
N ALA B 76 14.66 -18.07 -17.32
CA ALA B 76 15.18 -19.36 -17.76
C ALA B 76 14.79 -20.50 -16.81
N HIS B 77 14.01 -20.17 -15.78
CA HIS B 77 13.56 -21.18 -14.82
C HIS B 77 12.21 -20.77 -14.24
N LEU B 78 11.28 -20.44 -15.13
CA LEU B 78 9.94 -20.02 -14.71
C LEU B 78 9.21 -21.10 -13.92
N ASP B 79 9.46 -22.36 -14.26
CA ASP B 79 8.83 -23.47 -13.58
C ASP B 79 9.41 -23.69 -12.17
N ASN B 80 10.47 -22.96 -11.85
CA ASN B 80 11.10 -23.10 -10.54
C ASN B 80 11.73 -21.80 -10.07
N LEU B 81 10.90 -20.79 -9.81
CA LEU B 81 11.38 -19.49 -9.37
C LEU B 81 11.74 -19.48 -7.90
N LYS B 82 11.06 -20.28 -7.10
CA LYS B 82 11.36 -20.35 -5.66
C LYS B 82 12.77 -20.88 -5.45
N GLY B 83 13.06 -22.03 -6.06
CA GLY B 83 14.39 -22.61 -5.92
C GLY B 83 15.46 -21.69 -6.45
N THR B 84 15.24 -21.14 -7.64
CA THR B 84 16.19 -20.22 -8.26
C THR B 84 16.47 -18.98 -7.42
N PHE B 85 15.45 -18.48 -6.73
CA PHE B 85 15.59 -17.29 -5.90
C PHE B 85 15.69 -17.59 -4.40
N ALA B 86 15.88 -18.85 -4.04
CA ALA B 86 15.98 -19.24 -2.64
C ALA B 86 17.06 -18.47 -1.89
N THR B 87 18.24 -18.33 -2.49
CA THR B 87 19.35 -17.61 -1.87
C THR B 87 19.08 -16.11 -1.80
N LEU B 88 18.64 -15.54 -2.92
CA LEU B 88 18.35 -14.11 -2.96
C LEU B 88 17.25 -13.72 -1.98
N SER B 89 16.29 -14.62 -1.79
CA SER B 89 15.16 -14.37 -0.88
C SER B 89 15.64 -14.24 0.56
N GLU B 90 16.48 -15.18 0.98
CA GLU B 90 17.03 -15.19 2.32
C GLU B 90 17.82 -13.90 2.54
N LEU B 91 18.49 -13.44 1.50
CA LEU B 91 19.29 -12.22 1.58
C LEU B 91 18.41 -10.98 1.75
N HIS B 92 17.40 -10.86 0.89
CA HIS B 92 16.50 -9.70 0.93
C HIS B 92 15.51 -9.75 2.10
N CYS B 93 15.12 -10.94 2.53
CA CYS B 93 14.15 -11.04 3.62
C CYS B 93 14.76 -11.10 5.02
N ASP B 94 15.57 -12.11 5.28
CA ASP B 94 16.20 -12.29 6.60
C ASP B 94 17.31 -11.29 6.93
N LYS B 95 18.00 -10.79 5.92
CA LYS B 95 19.11 -9.86 6.16
C LYS B 95 18.76 -8.39 5.95
N LEU B 96 18.38 -8.03 4.74
CA LEU B 96 18.07 -6.64 4.41
C LEU B 96 16.73 -6.15 4.95
N HIS B 97 15.81 -7.08 5.15
CA HIS B 97 14.48 -6.74 5.65
C HIS B 97 13.78 -5.75 4.72
N VAL B 98 13.79 -6.06 3.43
CA VAL B 98 13.14 -5.22 2.43
C VAL B 98 11.64 -5.53 2.46
N ASP B 99 10.81 -4.51 2.49
CA ASP B 99 9.37 -4.74 2.52
C ASP B 99 8.93 -5.29 1.16
N PRO B 100 8.12 -6.37 1.17
CA PRO B 100 7.62 -7.04 -0.04
C PRO B 100 7.04 -6.10 -1.10
N GLU B 101 6.38 -5.04 -0.66
CA GLU B 101 5.80 -4.09 -1.60
C GLU B 101 6.90 -3.51 -2.49
N ASN B 102 8.10 -3.37 -1.94
CA ASN B 102 9.21 -2.83 -2.71
C ASN B 102 9.67 -3.76 -3.84
N PHE B 103 9.47 -5.07 -3.69
CA PHE B 103 9.85 -6.03 -4.73
C PHE B 103 8.90 -5.84 -5.91
N ARG B 104 7.64 -5.55 -5.59
CA ARG B 104 6.63 -5.34 -6.61
C ARG B 104 6.91 -4.04 -7.37
N LEU B 105 7.27 -2.99 -6.63
CA LEU B 105 7.56 -1.70 -7.25
C LEU B 105 8.71 -1.77 -8.26
N LEU B 106 9.78 -2.47 -7.91
CA LEU B 106 10.93 -2.61 -8.80
C LEU B 106 10.54 -3.40 -10.03
N GLY B 107 9.73 -4.44 -9.82
CA GLY B 107 9.28 -5.25 -10.93
C GLY B 107 8.51 -4.39 -11.92
N ASN B 108 7.64 -3.54 -11.40
CA ASN B 108 6.87 -2.64 -12.28
C ASN B 108 7.73 -1.55 -12.90
N VAL B 109 8.75 -1.09 -12.18
CA VAL B 109 9.63 -0.07 -12.73
C VAL B 109 10.37 -0.72 -13.91
N LEU B 110 10.77 -1.96 -13.73
CA LEU B 110 11.45 -2.66 -14.83
C LEU B 110 10.51 -2.68 -16.03
N VAL B 111 9.21 -2.88 -15.78
CA VAL B 111 8.24 -2.91 -16.86
C VAL B 111 8.20 -1.55 -17.58
N CYS B 112 8.19 -0.48 -16.80
CA CYS B 112 8.19 0.88 -17.36
C CYS B 112 9.44 1.13 -18.22
N VAL B 113 10.59 0.63 -17.78
CA VAL B 113 11.85 0.79 -18.51
C VAL B 113 11.79 0.05 -19.87
N LEU B 114 11.23 -1.15 -19.86
CA LEU B 114 11.11 -1.92 -21.10
C LEU B 114 10.21 -1.14 -22.07
N ALA B 115 9.15 -0.54 -21.53
CA ALA B 115 8.22 0.27 -22.33
C ALA B 115 8.94 1.47 -22.93
N HIS B 116 9.80 2.07 -22.10
CA HIS B 116 10.58 3.24 -22.49
C HIS B 116 11.56 2.89 -23.62
N HIS B 117 12.19 1.74 -23.50
CA HIS B 117 13.17 1.31 -24.49
C HIS B 117 12.59 0.79 -25.81
N PHE B 118 11.48 0.06 -25.73
CA PHE B 118 10.88 -0.51 -26.93
C PHE B 118 9.67 0.20 -27.50
N GLY B 119 9.22 1.24 -26.80
CA GLY B 119 8.06 1.98 -27.27
C GLY B 119 6.96 1.10 -27.82
N LYS B 120 6.53 1.40 -29.04
CA LYS B 120 5.48 0.67 -29.74
C LYS B 120 5.58 -0.85 -29.68
N GLU B 121 6.79 -1.40 -29.59
CA GLU B 121 6.97 -2.84 -29.54
C GLU B 121 6.49 -3.48 -28.24
N PHE B 122 6.48 -2.71 -27.15
CA PHE B 122 5.99 -3.23 -25.87
C PHE B 122 4.47 -3.08 -25.86
N THR B 123 3.81 -3.95 -26.62
CA THR B 123 2.34 -3.94 -26.72
C THR B 123 1.65 -4.37 -25.43
N PRO B 124 0.32 -4.12 -25.34
CA PRO B 124 -0.43 -4.52 -24.14
C PRO B 124 -0.28 -6.02 -23.86
N PRO B 125 -0.32 -6.85 -24.92
CA PRO B 125 -0.18 -8.31 -24.77
C PRO B 125 1.21 -8.69 -24.23
N VAL B 126 2.23 -7.98 -24.70
CA VAL B 126 3.60 -8.25 -24.25
C VAL B 126 3.73 -7.83 -22.78
N GLN B 127 3.10 -6.72 -22.44
CA GLN B 127 3.13 -6.23 -21.05
C GLN B 127 2.50 -7.27 -20.15
N ALA B 128 1.31 -7.73 -20.54
CA ALA B 128 0.58 -8.72 -19.75
C ALA B 128 1.45 -9.91 -19.41
N ALA B 129 2.20 -10.39 -20.40
CA ALA B 129 3.08 -11.53 -20.20
C ALA B 129 4.19 -11.18 -19.22
N TYR B 130 4.79 -10.02 -19.40
CA TYR B 130 5.85 -9.57 -18.52
C TYR B 130 5.34 -9.34 -17.09
N GLN B 131 4.09 -8.94 -16.94
CA GLN B 131 3.55 -8.69 -15.60
C GLN B 131 3.49 -10.01 -14.83
N LYS B 132 3.22 -11.11 -15.52
CA LYS B 132 3.17 -12.41 -14.86
C LYS B 132 4.57 -12.83 -14.44
N VAL B 133 5.58 -12.46 -15.23
CA VAL B 133 6.97 -12.79 -14.91
C VAL B 133 7.45 -12.04 -13.67
N VAL B 134 7.28 -10.72 -13.67
CA VAL B 134 7.73 -9.90 -12.53
C VAL B 134 6.97 -10.21 -11.24
N ALA B 135 5.70 -10.60 -11.37
CA ALA B 135 4.92 -10.94 -10.20
C ALA B 135 5.51 -12.24 -9.63
N GLY B 136 5.82 -13.17 -10.54
CA GLY B 136 6.41 -14.43 -10.14
C GLY B 136 7.76 -14.21 -9.50
N VAL B 137 8.55 -13.30 -10.07
CA VAL B 137 9.86 -13.00 -9.53
C VAL B 137 9.77 -12.35 -8.14
N ALA B 138 8.82 -11.42 -8.00
CA ALA B 138 8.64 -10.72 -6.72
C ALA B 138 8.17 -11.65 -5.63
N ASN B 139 7.27 -12.56 -5.98
CA ASN B 139 6.71 -13.54 -5.04
C ASN B 139 7.80 -14.47 -4.54
N ALA B 140 8.66 -14.93 -5.46
CA ALA B 140 9.75 -15.82 -5.11
C ALA B 140 10.71 -15.11 -4.16
N LEU B 141 11.14 -13.91 -4.53
CA LEU B 141 12.06 -13.17 -3.68
C LEU B 141 11.48 -12.97 -2.29
N ALA B 142 10.15 -13.00 -2.18
CA ALA B 142 9.50 -12.80 -0.89
C ALA B 142 9.04 -14.08 -0.20
N HIS B 143 9.36 -15.24 -0.77
CA HIS B 143 8.90 -16.49 -0.18
C HIS B 143 9.42 -16.79 1.22
N LYS B 144 10.61 -16.32 1.56
CA LYS B 144 11.14 -16.57 2.89
C LYS B 144 10.34 -15.77 3.92
N TYR B 145 9.46 -14.91 3.41
CA TYR B 145 8.59 -14.09 4.25
C TYR B 145 7.30 -14.87 4.52
N HIS B 146 6.89 -15.68 3.56
CA HIS B 146 5.68 -16.48 3.67
C HIS B 146 5.86 -17.66 4.61
N VAL C 1 -8.13 12.67 1.77
CA VAL C 1 -9.00 13.82 1.90
C VAL C 1 -10.02 13.60 3.02
N LEU C 2 -10.03 14.51 3.98
CA LEU C 2 -10.95 14.41 5.12
C LEU C 2 -12.25 15.18 4.90
N SER C 3 -13.35 14.59 5.35
CA SER C 3 -14.66 15.23 5.23
C SER C 3 -14.85 16.13 6.44
N PRO C 4 -15.91 16.95 6.46
CA PRO C 4 -16.09 17.81 7.63
C PRO C 4 -16.29 16.96 8.89
N ALA C 5 -17.04 15.87 8.77
CA ALA C 5 -17.26 15.02 9.94
C ALA C 5 -15.94 14.45 10.46
N ASP C 6 -15.05 14.09 9.54
CA ASP C 6 -13.74 13.56 9.92
C ASP C 6 -12.96 14.57 10.77
N LYS C 7 -12.91 15.81 10.29
CA LYS C 7 -12.19 16.87 10.97
C LYS C 7 -12.80 17.10 12.34
N THR C 8 -14.13 17.04 12.40
CA THR C 8 -14.86 17.22 13.64
C THR C 8 -14.52 16.09 14.63
N ASN C 9 -14.55 14.86 14.13
CA ASN C 9 -14.23 13.70 14.96
C ASN C 9 -12.80 13.71 15.47
N VAL C 10 -11.86 14.06 14.60
CA VAL C 10 -10.46 14.09 14.98
C VAL C 10 -10.20 15.12 16.07
N LYS C 11 -10.70 16.33 15.90
CA LYS C 11 -10.48 17.38 16.88
C LYS C 11 -11.08 17.00 18.23
N ALA C 12 -12.28 16.46 18.22
CA ALA C 12 -12.95 16.06 19.45
C ALA C 12 -12.23 14.93 20.17
N ALA C 13 -11.76 13.93 19.44
CA ALA C 13 -11.07 12.81 20.08
C ALA C 13 -9.66 13.17 20.55
N TRP C 14 -8.91 13.89 19.72
CA TRP C 14 -7.55 14.26 20.10
C TRP C 14 -7.59 15.26 21.24
N GLY C 15 -8.64 16.07 21.28
CA GLY C 15 -8.79 17.04 22.34
C GLY C 15 -8.88 16.30 23.66
N LYS C 16 -9.47 15.11 23.63
CA LYS C 16 -9.63 14.27 24.82
C LYS C 16 -8.29 13.73 25.31
N VAL C 17 -7.29 13.68 24.42
CA VAL C 17 -5.96 13.20 24.81
C VAL C 17 -5.37 14.20 25.81
N GLY C 18 -5.44 15.47 25.46
CA GLY C 18 -4.93 16.53 26.30
C GLY C 18 -3.57 16.29 26.93
N ALA C 19 -3.54 16.38 28.26
CA ALA C 19 -2.31 16.21 29.03
C ALA C 19 -1.63 14.86 28.88
N HIS C 20 -2.32 13.88 28.31
CA HIS C 20 -1.75 12.54 28.14
C HIS C 20 -0.98 12.37 26.82
N ALA C 21 -0.89 13.44 26.04
CA ALA C 21 -0.19 13.41 24.75
C ALA C 21 1.11 12.63 24.79
N GLY C 22 2.08 13.14 25.54
CA GLY C 22 3.37 12.49 25.66
C GLY C 22 3.27 11.05 26.09
N GLU C 23 2.39 10.77 27.05
CA GLU C 23 2.19 9.43 27.56
C GLU C 23 1.76 8.46 26.45
N TYR C 24 0.77 8.88 25.66
CA TYR C 24 0.27 8.07 24.55
C TYR C 24 1.26 7.99 23.41
N GLY C 25 1.96 9.09 23.15
CA GLY C 25 2.94 9.10 22.08
C GLY C 25 4.07 8.12 22.37
N ALA C 26 4.52 8.10 23.62
CA ALA C 26 5.60 7.20 24.03
C ALA C 26 5.15 5.74 23.94
N GLU C 27 3.93 5.47 24.39
CA GLU C 27 3.39 4.12 24.36
C GLU C 27 3.24 3.63 22.91
N ALA C 28 2.74 4.49 22.02
CA ALA C 28 2.59 4.11 20.62
C ALA C 28 3.96 3.76 20.04
N LEU C 29 4.98 4.52 20.43
CA LEU C 29 6.34 4.24 19.95
C LEU C 29 6.81 2.89 20.48
N GLU C 30 6.60 2.64 21.77
CA GLU C 30 7.01 1.36 22.36
C GLU C 30 6.30 0.17 21.70
N ARG C 31 5.00 0.31 21.45
CA ARG C 31 4.23 -0.75 20.82
C ARG C 31 4.80 -1.06 19.43
N MET C 32 5.17 0.00 18.71
CA MET C 32 5.73 -0.18 17.37
C MET C 32 7.09 -0.88 17.39
N PHE C 33 8.01 -0.40 18.23
CA PHE C 33 9.35 -1.00 18.31
C PHE C 33 9.31 -2.48 18.70
N LEU C 34 8.40 -2.83 19.59
CA LEU C 34 8.27 -4.20 20.06
C LEU C 34 7.54 -5.06 19.02
N SER C 35 6.46 -4.55 18.46
CA SER C 35 5.68 -5.30 17.47
C SER C 35 6.35 -5.41 16.10
N PHE C 36 7.03 -4.34 15.69
CA PHE C 36 7.69 -4.30 14.39
C PHE C 36 9.14 -3.85 14.61
N PRO C 37 9.98 -4.76 15.14
CA PRO C 37 11.40 -4.51 15.43
C PRO C 37 12.20 -3.83 14.33
N THR C 38 11.85 -4.10 13.08
CA THR C 38 12.56 -3.47 11.99
C THR C 38 12.56 -1.94 12.16
N THR C 39 11.43 -1.38 12.56
CA THR C 39 11.31 0.07 12.74
C THR C 39 12.37 0.66 13.65
N LYS C 40 12.99 -0.17 14.49
CA LYS C 40 14.03 0.31 15.38
C LYS C 40 15.27 0.77 14.61
N THR C 41 15.48 0.23 13.42
CA THR C 41 16.65 0.59 12.62
C THR C 41 16.69 2.08 12.25
N TYR C 42 15.58 2.79 12.46
CA TYR C 42 15.52 4.20 12.15
C TYR C 42 16.10 5.04 13.28
N PHE C 43 16.27 4.40 14.44
CA PHE C 43 16.80 5.08 15.62
C PHE C 43 18.03 4.33 16.16
N PRO C 44 19.03 4.11 15.30
CA PRO C 44 20.24 3.39 15.72
C PRO C 44 20.93 3.92 16.98
N HIS C 45 20.87 5.22 17.23
CA HIS C 45 21.52 5.78 18.40
C HIS C 45 20.61 6.08 19.60
N PHE C 46 19.40 5.57 19.54
CA PHE C 46 18.43 5.79 20.62
C PHE C 46 18.50 4.73 21.71
N ASP C 47 18.10 5.14 22.90
CA ASP C 47 18.01 4.24 24.04
C ASP C 47 16.55 3.82 23.92
N LEU C 48 16.32 2.66 23.31
CA LEU C 48 14.98 2.16 23.09
C LEU C 48 14.53 1.12 24.11
N SER C 49 15.20 1.08 25.26
CA SER C 49 14.83 0.14 26.32
C SER C 49 13.52 0.62 26.92
N HIS C 50 12.73 -0.32 27.43
CA HIS C 50 11.44 0.00 28.04
C HIS C 50 11.57 1.10 29.08
N GLY C 51 10.65 2.06 29.03
CA GLY C 51 10.66 3.16 29.97
C GLY C 51 11.79 4.16 29.85
N SER C 52 12.58 4.07 28.79
CA SER C 52 13.69 4.99 28.63
C SER C 52 13.17 6.43 28.54
N ALA C 53 13.95 7.36 29.09
CA ALA C 53 13.59 8.77 29.08
C ALA C 53 13.59 9.31 27.65
N GLN C 54 14.51 8.82 26.82
CA GLN C 54 14.60 9.28 25.45
C GLN C 54 13.31 8.97 24.67
N VAL C 55 12.78 7.76 24.87
CA VAL C 55 11.55 7.38 24.18
C VAL C 55 10.39 8.25 24.68
N LYS C 56 10.40 8.56 25.98
CA LYS C 56 9.36 9.40 26.56
C LYS C 56 9.41 10.76 25.89
N GLY C 57 10.61 11.32 25.81
CA GLY C 57 10.79 12.62 25.20
C GLY C 57 10.34 12.61 23.76
N HIS C 58 10.65 11.52 23.05
CA HIS C 58 10.28 11.46 21.65
C HIS C 58 8.77 11.30 21.48
N GLY C 59 8.15 10.52 22.37
CA GLY C 59 6.72 10.33 22.30
C GLY C 59 6.01 11.66 22.45
N LYS C 60 6.58 12.54 23.26
CA LYS C 60 6.00 13.87 23.47
C LYS C 60 6.14 14.71 22.22
N LYS C 61 7.28 14.61 21.55
CA LYS C 61 7.53 15.36 20.33
C LYS C 61 6.53 14.91 19.26
N VAL C 62 6.40 13.59 19.12
CA VAL C 62 5.46 13.02 18.14
C VAL C 62 4.02 13.45 18.46
N ALA C 63 3.64 13.38 19.72
CA ALA C 63 2.29 13.75 20.13
C ALA C 63 1.96 15.22 19.90
N ASP C 64 2.90 16.10 20.25
CA ASP C 64 2.69 17.54 20.07
C ASP C 64 2.59 17.88 18.58
N ALA C 65 3.31 17.13 17.75
CA ALA C 65 3.27 17.36 16.31
C ALA C 65 1.87 17.05 15.81
N LEU C 66 1.29 15.97 16.31
CA LEU C 66 -0.05 15.60 15.90
C LEU C 66 -1.04 16.66 16.38
N THR C 67 -0.83 17.19 17.58
CA THR C 67 -1.73 18.24 18.09
C THR C 67 -1.68 19.40 17.10
N ASN C 68 -0.46 19.74 16.67
CA ASN C 68 -0.26 20.83 15.72
C ASN C 68 -0.97 20.52 14.41
N ALA C 69 -0.81 19.29 13.92
CA ALA C 69 -1.47 18.87 12.68
C ALA C 69 -2.98 19.01 12.82
N VAL C 70 -3.51 18.55 13.95
CA VAL C 70 -4.94 18.63 14.21
C VAL C 70 -5.44 20.06 14.16
N ALA C 71 -4.63 21.00 14.65
CA ALA C 71 -5.00 22.41 14.64
C ALA C 71 -4.91 23.03 13.24
N HIS C 72 -4.08 22.43 12.39
CA HIS C 72 -3.92 22.92 11.01
C HIS C 72 -4.31 21.83 10.03
N VAL C 73 -5.40 21.13 10.33
CA VAL C 73 -5.85 20.04 9.48
C VAL C 73 -6.22 20.51 8.06
N ASP C 74 -6.42 21.81 7.87
CA ASP C 74 -6.76 22.34 6.55
C ASP C 74 -5.53 22.92 5.85
N ASP C 75 -4.41 22.99 6.58
CA ASP C 75 -3.19 23.58 6.05
C ASP C 75 -1.99 22.76 6.53
N MET C 76 -2.14 21.43 6.44
CA MET C 76 -1.09 20.51 6.90
C MET C 76 0.24 20.56 6.15
N PRO C 77 0.22 20.63 4.81
CA PRO C 77 1.50 20.68 4.09
C PRO C 77 2.40 21.80 4.58
N ASN C 78 1.82 22.97 4.77
CA ASN C 78 2.57 24.12 5.26
C ASN C 78 2.97 23.93 6.71
N ALA C 79 2.02 23.56 7.55
CA ALA C 79 2.27 23.36 8.97
C ALA C 79 3.32 22.29 9.29
N LEU C 80 3.39 21.24 8.48
CA LEU C 80 4.34 20.15 8.72
C LEU C 80 5.50 20.10 7.73
N SER C 81 5.78 21.22 7.08
CA SER C 81 6.86 21.28 6.10
C SER C 81 8.21 20.85 6.64
N ALA C 82 8.53 21.28 7.85
CA ALA C 82 9.80 20.92 8.48
C ALA C 82 9.83 19.43 8.81
N LEU C 83 8.70 18.89 9.24
CA LEU C 83 8.64 17.46 9.56
C LEU C 83 8.76 16.65 8.29
N SER C 84 8.31 17.22 7.17
CA SER C 84 8.41 16.53 5.89
C SER C 84 9.89 16.49 5.46
N ASP C 85 10.59 17.61 5.61
CA ASP C 85 12.01 17.68 5.25
C ASP C 85 12.77 16.59 5.99
N LEU C 86 12.46 16.46 7.28
CA LEU C 86 13.11 15.45 8.12
C LEU C 86 12.82 14.02 7.68
N HIS C 87 11.55 13.63 7.70
CA HIS C 87 11.16 12.27 7.34
C HIS C 87 11.30 11.86 5.88
N ALA C 88 11.00 12.76 4.95
CA ALA C 88 11.08 12.42 3.53
C ALA C 88 12.43 12.68 2.87
N HIS C 89 13.01 13.85 3.11
CA HIS C 89 14.30 14.17 2.52
C HIS C 89 15.51 13.58 3.24
N LYS C 90 15.62 13.81 4.54
CA LYS C 90 16.75 13.33 5.30
C LYS C 90 16.74 11.87 5.75
N LEU C 91 15.66 11.45 6.41
CA LEU C 91 15.56 10.08 6.91
C LEU C 91 15.09 9.06 5.88
N ARG C 92 14.42 9.55 4.85
CA ARG C 92 13.90 8.68 3.78
C ARG C 92 13.13 7.49 4.37
N VAL C 93 12.22 7.77 5.30
CA VAL C 93 11.42 6.73 5.93
C VAL C 93 10.46 6.04 4.96
N ASP C 94 10.53 4.71 4.91
CA ASP C 94 9.65 3.94 4.03
C ASP C 94 8.21 4.12 4.53
N PRO C 95 7.29 4.50 3.64
CA PRO C 95 5.90 4.71 4.06
C PRO C 95 5.23 3.56 4.81
N VAL C 96 5.71 2.33 4.62
CA VAL C 96 5.13 1.19 5.32
C VAL C 96 5.19 1.44 6.83
N ASN C 97 6.28 2.05 7.26
CA ASN C 97 6.49 2.34 8.68
C ASN C 97 5.47 3.33 9.24
N PHE C 98 4.99 4.24 8.42
CA PHE C 98 4.01 5.20 8.90
C PHE C 98 2.70 4.49 9.15
N LYS C 99 2.44 3.42 8.42
CA LYS C 99 1.21 2.66 8.63
C LYS C 99 1.31 1.92 9.96
N LEU C 100 2.49 1.41 10.27
CA LEU C 100 2.71 0.69 11.53
C LEU C 100 2.51 1.62 12.71
N LEU C 101 3.17 2.78 12.70
CA LEU C 101 3.02 3.73 13.80
C LEU C 101 1.57 4.21 13.91
N SER C 102 0.92 4.50 12.78
CA SER C 102 -0.49 4.94 12.79
C SER C 102 -1.37 3.89 13.45
N HIS C 103 -1.13 2.62 13.13
CA HIS C 103 -1.91 1.54 13.72
C HIS C 103 -1.64 1.48 15.23
N CYS C 104 -0.38 1.63 15.63
CA CYS C 104 -0.05 1.58 17.06
C CYS C 104 -0.64 2.78 17.80
N LEU C 105 -0.82 3.89 17.11
CA LEU C 105 -1.42 5.07 17.73
C LEU C 105 -2.90 4.78 17.95
N LEU C 106 -3.54 4.17 16.97
CA LEU C 106 -4.96 3.82 17.07
C LEU C 106 -5.14 2.82 18.23
N VAL C 107 -4.25 1.82 18.30
CA VAL C 107 -4.33 0.84 19.39
C VAL C 107 -4.25 1.56 20.73
N THR C 108 -3.27 2.46 20.86
CA THR C 108 -3.08 3.22 22.10
C THR C 108 -4.34 4.03 22.46
N LEU C 109 -4.97 4.63 21.46
CA LEU C 109 -6.18 5.41 21.70
C LEU C 109 -7.33 4.52 22.13
N ALA C 110 -7.45 3.35 21.51
CA ALA C 110 -8.52 2.42 21.85
C ALA C 110 -8.33 1.86 23.26
N ALA C 111 -7.07 1.70 23.66
CA ALA C 111 -6.73 1.17 24.98
C ALA C 111 -6.93 2.15 26.14
N HIS C 112 -6.93 3.44 25.83
CA HIS C 112 -7.09 4.48 26.85
C HIS C 112 -8.42 5.23 26.78
N LEU C 113 -8.99 5.33 25.58
CA LEU C 113 -10.25 6.06 25.40
C LEU C 113 -11.35 5.22 24.77
N PRO C 114 -11.76 4.13 25.44
CA PRO C 114 -12.81 3.21 24.98
C PRO C 114 -14.15 3.86 24.60
N ALA C 115 -14.56 4.87 25.36
CA ALA C 115 -15.82 5.53 25.06
C ALA C 115 -15.73 6.37 23.78
N GLU C 116 -14.56 6.96 23.55
CA GLU C 116 -14.34 7.81 22.39
C GLU C 116 -14.08 7.04 21.08
N PHE C 117 -13.37 5.92 21.17
CA PHE C 117 -13.01 5.13 20.00
C PHE C 117 -14.18 4.39 19.34
N THR C 118 -15.13 5.14 18.78
CA THR C 118 -16.28 4.54 18.12
C THR C 118 -15.88 4.17 16.70
N PRO C 119 -16.71 3.38 16.00
CA PRO C 119 -16.35 3.02 14.62
C PRO C 119 -16.13 4.25 13.76
N ALA C 120 -17.03 5.22 13.87
CA ALA C 120 -16.93 6.45 13.08
C ALA C 120 -15.68 7.26 13.40
N VAL C 121 -15.34 7.34 14.69
CA VAL C 121 -14.17 8.08 15.14
C VAL C 121 -12.89 7.33 14.72
N HIS C 122 -12.94 6.02 14.83
CA HIS C 122 -11.84 5.15 14.43
C HIS C 122 -11.56 5.43 12.94
N ALA C 123 -12.60 5.41 12.14
CA ALA C 123 -12.50 5.67 10.70
C ALA C 123 -11.84 7.02 10.42
N SER C 124 -12.28 8.05 11.15
CA SER C 124 -11.75 9.40 10.93
C SER C 124 -10.30 9.54 11.38
N LEU C 125 -9.96 8.92 12.52
CA LEU C 125 -8.59 8.98 13.00
C LEU C 125 -7.63 8.30 12.04
N ASP C 126 -8.06 7.16 11.48
CA ASP C 126 -7.24 6.43 10.53
C ASP C 126 -6.95 7.27 9.28
N LYS C 127 -7.98 7.90 8.72
CA LYS C 127 -7.79 8.74 7.55
C LYS C 127 -6.85 9.91 7.85
N PHE C 128 -7.05 10.53 9.01
CA PHE C 128 -6.21 11.65 9.41
C PHE C 128 -4.73 11.20 9.54
N LEU C 129 -4.50 10.06 10.18
CA LEU C 129 -3.13 9.60 10.32
C LEU C 129 -2.54 9.25 8.95
N ALA C 130 -3.34 8.69 8.08
CA ALA C 130 -2.87 8.34 6.74
C ALA C 130 -2.50 9.64 6.00
N SER C 131 -3.32 10.66 6.23
CA SER C 131 -3.11 11.97 5.61
C SER C 131 -1.80 12.59 6.13
N VAL C 132 -1.58 12.51 7.43
CA VAL C 132 -0.35 13.06 8.02
C VAL C 132 0.86 12.30 7.48
N SER C 133 0.70 11.00 7.31
CA SER C 133 1.76 10.15 6.81
C SER C 133 2.17 10.52 5.39
N THR C 134 1.17 10.79 4.55
CA THR C 134 1.43 11.16 3.16
C THR C 134 2.25 12.45 3.10
N VAL C 135 1.88 13.41 3.93
CA VAL C 135 2.59 14.68 3.97
C VAL C 135 4.06 14.49 4.41
N LEU C 136 4.29 13.71 5.46
CA LEU C 136 5.66 13.51 5.95
C LEU C 136 6.55 12.65 5.06
N THR C 137 5.95 11.80 4.22
CA THR C 137 6.73 10.96 3.32
C THR C 137 6.84 11.59 1.94
N SER C 138 6.27 12.77 1.77
CA SER C 138 6.33 13.43 0.47
C SER C 138 7.32 14.59 0.42
N LYS C 139 8.09 14.66 -0.66
CA LYS C 139 9.03 15.75 -0.84
C LYS C 139 8.32 16.77 -1.72
N TYR C 140 7.81 17.83 -1.11
CA TYR C 140 7.09 18.85 -1.87
C TYR C 140 7.73 20.22 -1.84
N ARG C 141 9.05 20.27 -1.70
CA ARG C 141 9.81 21.52 -1.71
C ARG C 141 10.63 21.53 -2.99
N VAL D 1 3.75 -17.25 11.90
CA VAL D 1 4.86 -18.01 11.26
C VAL D 1 5.97 -18.31 12.27
N HIS D 2 6.16 -17.41 13.23
CA HIS D 2 7.19 -17.59 14.24
C HIS D 2 6.83 -16.98 15.60
N LEU D 3 6.16 -17.76 16.44
CA LEU D 3 5.80 -17.29 17.77
C LEU D 3 6.63 -18.05 18.81
N THR D 4 7.30 -17.31 19.68
CA THR D 4 8.10 -17.92 20.73
C THR D 4 7.14 -18.58 21.71
N PRO D 5 7.64 -19.49 22.55
CA PRO D 5 6.78 -20.16 23.53
C PRO D 5 6.02 -19.19 24.43
N GLU D 6 6.69 -18.10 24.82
CA GLU D 6 6.06 -17.11 25.69
C GLU D 6 4.94 -16.36 24.98
N GLU D 7 5.12 -16.09 23.69
CA GLU D 7 4.12 -15.37 22.91
C GLU D 7 2.88 -16.23 22.71
N LYS D 8 3.06 -17.54 22.58
CA LYS D 8 1.91 -18.43 22.40
C LYS D 8 1.06 -18.40 23.67
N SER D 9 1.71 -18.56 24.81
CA SER D 9 1.04 -18.55 26.09
C SER D 9 0.26 -17.26 26.29
N ALA D 10 0.86 -16.15 25.89
CA ALA D 10 0.22 -14.84 26.02
C ALA D 10 -1.05 -14.78 25.16
N VAL D 11 -0.92 -15.14 23.90
CA VAL D 11 -2.06 -15.14 22.98
C VAL D 11 -3.17 -16.08 23.47
N THR D 12 -2.80 -17.32 23.76
CA THR D 12 -3.75 -18.33 24.23
C THR D 12 -4.47 -17.87 25.49
N ALA D 13 -3.73 -17.25 26.41
CA ALA D 13 -4.27 -16.77 27.67
C ALA D 13 -5.31 -15.66 27.47
N LEU D 14 -5.00 -14.70 26.60
CA LEU D 14 -5.93 -13.60 26.36
C LEU D 14 -7.18 -14.04 25.62
N TRP D 15 -6.99 -14.82 24.56
CA TRP D 15 -8.11 -15.27 23.74
C TRP D 15 -9.20 -15.99 24.55
N GLY D 16 -8.79 -16.64 25.63
CA GLY D 16 -9.77 -17.34 26.45
C GLY D 16 -10.76 -16.38 27.08
N LYS D 17 -10.37 -15.12 27.19
CA LYS D 17 -11.22 -14.10 27.78
C LYS D 17 -12.08 -13.39 26.73
N VAL D 18 -11.84 -13.67 25.46
CA VAL D 18 -12.57 -13.04 24.36
C VAL D 18 -14.00 -13.52 24.15
N ASN D 19 -14.93 -12.57 24.01
CA ASN D 19 -16.32 -12.92 23.77
C ASN D 19 -16.51 -13.24 22.29
N VAL D 20 -16.55 -14.53 22.00
CA VAL D 20 -16.70 -15.05 20.64
C VAL D 20 -17.94 -14.61 19.88
N ASP D 21 -18.94 -14.05 20.58
CA ASP D 21 -20.16 -13.63 19.91
C ASP D 21 -20.18 -12.16 19.50
N GLU D 22 -19.28 -11.37 20.05
CA GLU D 22 -19.23 -9.94 19.74
C GLU D 22 -18.00 -9.49 18.93
N VAL D 23 -16.81 -9.76 19.45
CA VAL D 23 -15.56 -9.37 18.81
C VAL D 23 -15.50 -9.54 17.29
N GLY D 24 -15.95 -10.68 16.79
CA GLY D 24 -15.95 -10.91 15.35
C GLY D 24 -16.81 -9.89 14.62
N GLY D 25 -18.00 -9.63 15.16
CA GLY D 25 -18.90 -8.66 14.56
C GLY D 25 -18.36 -7.24 14.62
N GLU D 26 -17.69 -6.91 15.72
CA GLU D 26 -17.09 -5.58 15.89
C GLU D 26 -15.99 -5.36 14.86
N ALA D 27 -15.17 -6.39 14.66
CA ALA D 27 -14.05 -6.31 13.72
C ALA D 27 -14.51 -6.21 12.27
N LEU D 28 -15.45 -7.08 11.87
CA LEU D 28 -15.94 -7.05 10.50
C LEU D 28 -16.68 -5.74 10.23
N GLY D 29 -17.48 -5.31 11.21
CA GLY D 29 -18.20 -4.07 11.06
C GLY D 29 -17.26 -2.89 10.94
N ARG D 30 -16.23 -2.83 11.78
CA ARG D 30 -15.28 -1.73 11.72
C ARG D 30 -14.49 -1.76 10.42
N LEU D 31 -14.21 -2.96 9.92
CA LEU D 31 -13.48 -3.08 8.66
C LEU D 31 -14.30 -2.39 7.56
N LEU D 32 -15.61 -2.69 7.53
CA LEU D 32 -16.51 -2.11 6.53
C LEU D 32 -16.68 -0.60 6.67
N VAL D 33 -16.57 -0.11 7.90
CA VAL D 33 -16.71 1.32 8.18
C VAL D 33 -15.42 2.09 7.90
N VAL D 34 -14.31 1.59 8.43
CA VAL D 34 -13.01 2.24 8.28
C VAL D 34 -12.40 2.17 6.89
N TYR D 35 -12.73 1.12 6.14
CA TYR D 35 -12.22 0.91 4.78
C TYR D 35 -13.46 0.58 3.96
N PRO D 36 -14.26 1.61 3.65
CA PRO D 36 -15.51 1.49 2.89
C PRO D 36 -15.54 0.66 1.61
N TRP D 37 -14.45 0.58 0.86
CA TRP D 37 -14.46 -0.21 -0.37
C TRP D 37 -14.68 -1.69 -0.07
N THR D 38 -14.41 -2.13 1.16
CA THR D 38 -14.63 -3.54 1.48
C THR D 38 -16.13 -3.86 1.47
N GLN D 39 -16.97 -2.84 1.56
CA GLN D 39 -18.42 -3.05 1.54
C GLN D 39 -18.85 -3.70 0.23
N ARG D 40 -18.07 -3.49 -0.83
CA ARG D 40 -18.39 -4.06 -2.13
C ARG D 40 -18.51 -5.59 -2.12
N PHE D 41 -17.70 -6.26 -1.31
CA PHE D 41 -17.73 -7.72 -1.24
C PHE D 41 -18.95 -8.24 -0.47
N PHE D 42 -19.66 -7.35 0.20
CA PHE D 42 -20.82 -7.74 0.99
C PHE D 42 -22.10 -7.07 0.49
N GLU D 43 -22.28 -7.14 -0.81
CA GLU D 43 -23.43 -6.57 -1.52
C GLU D 43 -24.78 -7.03 -0.98
N SER D 44 -24.92 -8.34 -0.78
CA SER D 44 -26.18 -8.92 -0.31
C SER D 44 -26.49 -8.75 1.18
N PHE D 45 -25.55 -8.22 1.96
CA PHE D 45 -25.79 -8.06 3.39
C PHE D 45 -26.81 -6.99 3.79
N GLY D 46 -27.23 -6.17 2.84
CA GLY D 46 -28.22 -5.16 3.16
C GLY D 46 -27.73 -3.75 3.39
N ASP D 47 -28.25 -3.11 4.45
CA ASP D 47 -27.90 -1.73 4.76
C ASP D 47 -26.52 -1.56 5.37
N LEU D 48 -25.66 -0.87 4.62
CA LEU D 48 -24.28 -0.59 5.04
C LEU D 48 -23.98 0.87 4.73
N SER D 49 -25.05 1.66 4.61
CA SER D 49 -24.97 3.08 4.29
C SER D 49 -24.34 3.99 5.33
N THR D 50 -24.43 3.62 6.60
CA THR D 50 -23.86 4.43 7.66
C THR D 50 -23.22 3.54 8.70
N PRO D 51 -22.37 4.11 9.58
CA PRO D 51 -21.71 3.33 10.62
C PRO D 51 -22.69 2.54 11.48
N ASP D 52 -23.73 3.19 11.98
CA ASP D 52 -24.70 2.51 12.82
C ASP D 52 -25.41 1.40 12.06
N ALA D 53 -25.73 1.64 10.79
CA ALA D 53 -26.39 0.62 9.98
C ALA D 53 -25.48 -0.60 9.87
N VAL D 54 -24.20 -0.37 9.61
CA VAL D 54 -23.24 -1.47 9.50
C VAL D 54 -23.10 -2.23 10.81
N MET D 55 -22.83 -1.51 11.89
CA MET D 55 -22.62 -2.15 13.18
C MET D 55 -23.87 -2.85 13.72
N GLY D 56 -25.04 -2.42 13.28
CA GLY D 56 -26.28 -3.03 13.75
C GLY D 56 -26.83 -4.08 12.79
N ASN D 57 -26.19 -4.26 11.64
CA ASN D 57 -26.62 -5.24 10.64
C ASN D 57 -26.41 -6.67 11.15
N PRO D 58 -27.49 -7.46 11.28
CA PRO D 58 -27.47 -8.85 11.75
C PRO D 58 -26.55 -9.76 10.97
N LYS D 59 -26.57 -9.63 9.65
CA LYS D 59 -25.72 -10.44 8.78
C LYS D 59 -24.24 -10.17 9.00
N VAL D 60 -23.92 -8.93 9.38
CA VAL D 60 -22.52 -8.59 9.64
C VAL D 60 -22.09 -9.22 10.95
N LYS D 61 -22.95 -9.15 11.96
CA LYS D 61 -22.61 -9.73 13.25
C LYS D 61 -22.46 -11.25 13.12
N ALA D 62 -23.38 -11.87 12.39
CA ALA D 62 -23.34 -13.32 12.21
C ALA D 62 -22.09 -13.71 11.43
N HIS D 63 -21.82 -13.02 10.33
CA HIS D 63 -20.64 -13.36 9.56
C HIS D 63 -19.38 -13.15 10.39
N GLY D 64 -19.40 -12.10 11.23
CA GLY D 64 -18.26 -11.83 12.08
C GLY D 64 -17.98 -13.02 13.00
N LYS D 65 -19.05 -13.68 13.42
CA LYS D 65 -18.91 -14.85 14.29
C LYS D 65 -18.15 -15.95 13.54
N LYS D 66 -18.50 -16.12 12.27
CA LYS D 66 -17.83 -17.12 11.43
C LYS D 66 -16.35 -16.74 11.26
N VAL D 67 -16.08 -15.47 10.98
CA VAL D 67 -14.71 -14.99 10.82
C VAL D 67 -13.92 -15.29 12.09
N LEU D 68 -14.51 -14.94 13.23
CA LEU D 68 -13.86 -15.13 14.53
C LEU D 68 -13.63 -16.61 14.77
N GLY D 69 -14.55 -17.44 14.32
CA GLY D 69 -14.38 -18.88 14.48
C GLY D 69 -13.10 -19.31 13.78
N ALA D 70 -12.85 -18.75 12.60
CA ALA D 70 -11.65 -19.10 11.84
C ALA D 70 -10.38 -18.64 12.56
N PHE D 71 -10.43 -17.46 13.18
CA PHE D 71 -9.28 -16.95 13.93
C PHE D 71 -8.99 -17.86 15.12
N SER D 72 -10.05 -18.38 15.75
CA SER D 72 -9.88 -19.27 16.90
C SER D 72 -9.23 -20.58 16.48
N ASP D 73 -9.75 -21.15 15.40
CA ASP D 73 -9.23 -22.40 14.86
C ASP D 73 -7.76 -22.23 14.51
N GLY D 74 -7.39 -21.01 14.11
CA GLY D 74 -6.02 -20.74 13.78
C GLY D 74 -5.15 -20.63 15.03
N LEU D 75 -5.73 -20.13 16.11
CA LEU D 75 -4.99 -19.98 17.36
C LEU D 75 -4.75 -21.32 18.05
N ALA D 76 -5.55 -22.32 17.70
CA ALA D 76 -5.40 -23.64 18.29
C ALA D 76 -4.44 -24.46 17.43
N HIS D 77 -3.98 -23.87 16.32
CA HIS D 77 -3.06 -24.54 15.41
C HIS D 77 -2.05 -23.54 14.85
N LEU D 78 -1.42 -22.79 15.75
CA LEU D 78 -0.44 -21.78 15.36
C LEU D 78 0.77 -22.33 14.60
N ASP D 79 1.03 -23.63 14.76
CA ASP D 79 2.17 -24.25 14.08
C ASP D 79 1.83 -24.68 12.66
N ASN D 80 0.55 -24.62 12.32
CA ASN D 80 0.09 -24.98 10.98
C ASN D 80 -1.08 -24.11 10.53
N LEU D 81 -0.80 -22.82 10.32
CA LEU D 81 -1.83 -21.88 9.88
C LEU D 81 -2.12 -22.05 8.38
N LYS D 82 -1.13 -22.52 7.64
CA LYS D 82 -1.29 -22.74 6.20
C LYS D 82 -2.37 -23.77 5.92
N GLY D 83 -2.34 -24.88 6.67
CA GLY D 83 -3.34 -25.91 6.48
C GLY D 83 -4.69 -25.51 7.05
N THR D 84 -4.66 -24.83 8.19
CA THR D 84 -5.89 -24.39 8.85
C THR D 84 -6.75 -23.51 7.96
N PHE D 85 -6.10 -22.62 7.20
CA PHE D 85 -6.82 -21.69 6.33
C PHE D 85 -6.73 -22.05 4.85
N ALA D 86 -6.26 -23.26 4.55
CA ALA D 86 -6.10 -23.71 3.17
C ALA D 86 -7.36 -23.53 2.33
N THR D 87 -8.49 -24.04 2.82
CA THR D 87 -9.75 -23.93 2.09
C THR D 87 -10.24 -22.49 1.98
N LEU D 88 -10.09 -21.74 3.06
CA LEU D 88 -10.51 -20.35 3.07
C LEU D 88 -9.69 -19.52 2.06
N SER D 89 -8.41 -19.87 1.93
CA SER D 89 -7.50 -19.18 1.02
C SER D 89 -7.97 -19.31 -0.42
N GLU D 90 -8.46 -20.49 -0.78
CA GLU D 90 -8.96 -20.74 -2.12
C GLU D 90 -10.17 -19.83 -2.39
N LEU D 91 -11.08 -19.78 -1.41
CA LEU D 91 -12.28 -18.95 -1.52
C LEU D 91 -11.95 -17.47 -1.70
N HIS D 92 -11.17 -16.92 -0.78
CA HIS D 92 -10.84 -15.49 -0.84
C HIS D 92 -9.95 -15.08 -2.02
N CYS D 93 -8.99 -15.93 -2.38
CA CYS D 93 -8.08 -15.62 -3.47
C CYS D 93 -8.55 -16.02 -4.86
N ASP D 94 -8.96 -17.28 -5.02
CA ASP D 94 -9.43 -17.76 -6.32
C ASP D 94 -10.88 -17.38 -6.64
N LYS D 95 -11.77 -17.54 -5.68
CA LYS D 95 -13.18 -17.25 -5.90
C LYS D 95 -13.58 -15.78 -5.75
N LEU D 96 -13.25 -15.20 -4.60
CA LEU D 96 -13.60 -13.82 -4.32
C LEU D 96 -12.64 -12.76 -4.84
N HIS D 97 -11.38 -13.14 -5.05
CA HIS D 97 -10.38 -12.20 -5.55
C HIS D 97 -10.17 -11.01 -4.59
N VAL D 98 -10.16 -11.28 -3.29
CA VAL D 98 -9.93 -10.21 -2.33
C VAL D 98 -8.44 -9.91 -2.33
N ASP D 99 -8.08 -8.64 -2.50
CA ASP D 99 -6.67 -8.27 -2.50
C ASP D 99 -6.10 -8.56 -1.11
N PRO D 100 -4.97 -9.27 -1.05
CA PRO D 100 -4.34 -9.61 0.22
C PRO D 100 -4.06 -8.47 1.20
N GLU D 101 -4.04 -7.23 0.71
CA GLU D 101 -3.80 -6.12 1.61
C GLU D 101 -4.97 -6.01 2.59
N ASN D 102 -6.16 -6.38 2.12
CA ASN D 102 -7.34 -6.32 2.96
C ASN D 102 -7.27 -7.30 4.12
N PHE D 103 -6.58 -8.43 3.91
CA PHE D 103 -6.42 -9.44 4.97
C PHE D 103 -5.62 -8.81 6.12
N ARG D 104 -4.61 -8.03 5.74
CA ARG D 104 -3.76 -7.36 6.71
C ARG D 104 -4.58 -6.35 7.49
N LEU D 105 -5.39 -5.57 6.78
CA LEU D 105 -6.22 -4.56 7.41
C LEU D 105 -7.21 -5.16 8.42
N LEU D 106 -7.87 -6.26 8.04
CA LEU D 106 -8.82 -6.90 8.96
C LEU D 106 -8.06 -7.34 10.20
N GLY D 107 -6.88 -7.92 9.98
CA GLY D 107 -6.06 -8.36 11.10
C GLY D 107 -5.77 -7.24 12.08
N ASN D 108 -5.39 -6.07 11.57
CA ASN D 108 -5.09 -4.93 12.45
C ASN D 108 -6.34 -4.35 13.09
N VAL D 109 -7.47 -4.44 12.39
CA VAL D 109 -8.73 -3.96 12.97
C VAL D 109 -9.08 -4.86 14.17
N LEU D 110 -8.84 -6.17 14.02
CA LEU D 110 -9.12 -7.10 15.11
C LEU D 110 -8.26 -6.69 16.30
N VAL D 111 -6.99 -6.39 16.04
CA VAL D 111 -6.06 -5.97 17.07
C VAL D 111 -6.60 -4.71 17.73
N CYS D 112 -7.16 -3.77 16.95
CA CYS D 112 -7.72 -2.55 17.53
C CYS D 112 -8.92 -2.86 18.43
N VAL D 113 -9.73 -3.83 18.02
CA VAL D 113 -10.90 -4.22 18.79
C VAL D 113 -10.44 -4.92 20.07
N LEU D 114 -9.34 -5.67 19.99
CA LEU D 114 -8.81 -6.35 21.18
C LEU D 114 -8.33 -5.29 22.16
N ALA D 115 -7.62 -4.29 21.64
CA ALA D 115 -7.12 -3.21 22.47
C ALA D 115 -8.29 -2.46 23.11
N HIS D 116 -9.31 -2.15 22.29
CA HIS D 116 -10.49 -1.43 22.76
C HIS D 116 -11.17 -2.16 23.92
N HIS D 117 -11.31 -3.47 23.80
CA HIS D 117 -11.97 -4.25 24.84
C HIS D 117 -11.15 -4.48 26.11
N PHE D 118 -9.90 -4.88 25.97
CA PHE D 118 -9.04 -5.15 27.11
C PHE D 118 -8.32 -3.96 27.73
N GLY D 119 -8.25 -2.86 26.98
CA GLY D 119 -7.57 -1.69 27.51
C GLY D 119 -6.14 -1.94 27.97
N LYS D 120 -5.83 -1.43 29.17
CA LYS D 120 -4.50 -1.58 29.74
C LYS D 120 -4.00 -3.02 29.71
N GLU D 121 -4.93 -3.97 29.69
CA GLU D 121 -4.60 -5.38 29.66
C GLU D 121 -3.97 -5.75 28.32
N PHE D 122 -4.25 -4.97 27.28
CA PHE D 122 -3.70 -5.23 25.96
C PHE D 122 -2.37 -4.50 25.96
N THR D 123 -1.39 -5.08 26.64
CA THR D 123 -0.06 -4.49 26.78
C THR D 123 0.78 -4.60 25.50
N PRO D 124 1.86 -3.83 25.40
CA PRO D 124 2.73 -3.86 24.22
C PRO D 124 3.23 -5.27 23.88
N PRO D 125 3.62 -6.06 24.89
CA PRO D 125 4.10 -7.41 24.59
C PRO D 125 2.97 -8.30 24.05
N VAL D 126 1.77 -8.12 24.58
CA VAL D 126 0.63 -8.92 24.12
C VAL D 126 0.29 -8.53 22.69
N GLN D 127 0.32 -7.23 22.40
CA GLN D 127 0.03 -6.75 21.05
C GLN D 127 1.02 -7.36 20.08
N ALA D 128 2.30 -7.33 20.45
CA ALA D 128 3.34 -7.88 19.58
C ALA D 128 3.09 -9.36 19.31
N ALA D 129 2.70 -10.09 20.35
CA ALA D 129 2.43 -11.51 20.19
C ALA D 129 1.28 -11.68 19.20
N TYR D 130 0.29 -10.80 19.30
CA TYR D 130 -0.87 -10.83 18.42
C TYR D 130 -0.61 -10.34 17.00
N GLN D 131 0.34 -9.42 16.83
CA GLN D 131 0.66 -8.94 15.49
C GLN D 131 1.22 -10.11 14.66
N LYS D 132 1.90 -11.03 15.35
CA LYS D 132 2.48 -12.19 14.65
C LYS D 132 1.37 -13.14 14.23
N VAL D 133 0.33 -13.25 15.07
CA VAL D 133 -0.81 -14.10 14.77
C VAL D 133 -1.58 -13.59 13.55
N VAL D 134 -2.02 -12.34 13.58
CA VAL D 134 -2.77 -11.80 12.46
C VAL D 134 -1.92 -11.77 11.18
N ALA D 135 -0.62 -11.50 11.31
CA ALA D 135 0.25 -11.50 10.14
C ALA D 135 0.30 -12.93 9.57
N GLY D 136 0.38 -13.92 10.46
CA GLY D 136 0.41 -15.31 10.04
C GLY D 136 -0.90 -15.73 9.40
N VAL D 137 -2.01 -15.27 9.97
CA VAL D 137 -3.32 -15.59 9.42
C VAL D 137 -3.48 -14.94 8.04
N ALA D 138 -3.09 -13.67 7.94
CA ALA D 138 -3.20 -12.97 6.65
C ALA D 138 -2.36 -13.69 5.61
N ASN D 139 -1.14 -14.03 6.01
CA ASN D 139 -0.20 -14.73 5.16
C ASN D 139 -0.78 -16.07 4.68
N ALA D 140 -1.39 -16.80 5.61
CA ALA D 140 -1.99 -18.10 5.30
C ALA D 140 -3.13 -17.94 4.29
N LEU D 141 -3.97 -16.94 4.51
CA LEU D 141 -5.11 -16.67 3.63
C LEU D 141 -4.70 -16.27 2.21
N ALA D 142 -3.50 -15.71 2.08
CA ALA D 142 -3.01 -15.27 0.78
C ALA D 142 -2.16 -16.38 0.14
N HIS D 143 -2.03 -17.51 0.83
CA HIS D 143 -1.22 -18.61 0.33
C HIS D 143 -1.51 -19.00 -1.11
N LYS D 144 -2.77 -18.88 -1.52
CA LYS D 144 -3.14 -19.23 -2.90
C LYS D 144 -2.65 -18.19 -3.90
N TYR D 145 -2.03 -17.14 -3.39
CA TYR D 145 -1.47 -16.07 -4.22
C TYR D 145 0.04 -16.29 -4.34
N HIS D 146 0.58 -17.18 -3.52
CA HIS D 146 2.01 -17.47 -3.50
C HIS D 146 2.35 -18.73 -4.29
C CMO E . -12.38 4.57 -15.04
O CMO E . -11.99 3.91 -16.00
CHA HEM F . -16.08 5.85 -14.74
CHB HEM F . -11.98 8.48 -14.51
CHC HEM F . -9.83 4.81 -12.12
CHD HEM F . -13.77 2.07 -12.69
C1A HEM F . -15.15 6.88 -14.89
C2A HEM F . -15.38 8.14 -15.64
C3A HEM F . -14.22 8.85 -15.58
C4A HEM F . -13.27 8.05 -14.83
CMA HEM F . -13.97 10.23 -16.16
CAA HEM F . -16.66 8.64 -16.32
CBA HEM F . -17.67 9.20 -15.34
CGA HEM F . -18.85 9.90 -16.02
O1A HEM F . -18.71 11.09 -16.37
O2A HEM F . -19.90 9.25 -16.22
C1B HEM F . -11.04 7.73 -13.79
C2B HEM F . -9.73 8.19 -13.41
C3B HEM F . -9.10 7.15 -12.78
C4B HEM F . -10.05 6.07 -12.75
CMB HEM F . -9.21 9.60 -13.63
CAB HEM F . -7.79 7.07 -12.26
CBB HEM F . -6.70 7.97 -12.52
C1C HEM F . -10.69 3.73 -12.08
C2C HEM F . -10.32 2.41 -11.57
C3C HEM F . -11.43 1.60 -11.75
C4C HEM F . -12.46 2.46 -12.41
CMC HEM F . -8.92 2.05 -11.04
CAC HEM F . -11.62 0.26 -11.40
CBC HEM F . -10.87 -0.83 -11.92
C1D HEM F . -14.77 2.88 -13.26
C2D HEM F . -16.08 2.40 -13.61
C3D HEM F . -16.70 3.44 -14.21
C4D HEM F . -15.80 4.57 -14.22
CMD HEM F . -16.64 1.02 -13.32
CAD HEM F . -18.12 3.42 -14.73
CBD HEM F . -18.18 3.15 -16.21
CGD HEM F . -19.60 3.30 -16.73
O1D HEM F . -20.42 2.37 -16.53
O2D HEM F . -19.90 4.35 -17.32
NA HEM F . -13.84 6.84 -14.46
NB HEM F . -11.24 6.42 -13.36
NC HEM F . -11.97 3.73 -12.60
ND HEM F . -14.60 4.21 -13.64
FE HEM F . -12.92 5.30 -13.45
C4 E0J G . 0.56 10.67 -2.58
C1 E0J G . 0.36 14.52 -2.28
C2 E0J G . -0.07 13.06 -2.31
C3 E0J G . 0.93 12.05 -2.54
C5 E0J G . -0.84 10.30 -2.40
C6 E0J G . -1.81 11.31 -2.18
C7 E0J G . -1.44 12.69 -2.13
C9 E0J G . 1.87 8.87 -1.65
C11 E0J G . -3.84 13.65 -2.24
C13 E0J G . -5.27 15.07 -0.67
C12 E0J G . -4.48 14.98 -1.88
C15 E0J G . -5.68 17.49 -1.20
C14 E0J G . -5.86 16.34 -0.35
O8 E0J G . 1.53 9.68 -2.80
O10 E0J G . -2.41 13.74 -1.93
C16 E0J G . -4.88 17.35 -2.40
N17 E0J G . -4.31 16.11 -2.70
C CMO H . 18.53 -5.11 -5.63
O CMO H . 18.76 -4.05 -6.21
CHA HEM I . 21.35 -7.25 -3.79
CHB HEM I . 18.21 -8.83 -7.15
CHC HEM I . 14.75 -6.07 -5.07
CHD HEM I . 18.03 -4.19 -2.01
C1A HEM I . 20.81 -7.92 -4.91
C2A HEM I . 21.52 -8.82 -5.77
C3A HEM I . 20.65 -9.25 -6.73
C4A HEM I . 19.40 -8.57 -6.47
CMA HEM I . 20.94 -10.21 -7.88
CAA HEM I . 23.00 -9.19 -5.67
CBA HEM I . 23.20 -10.30 -4.66
CGA HEM I . 24.65 -10.71 -4.49
O1A HEM I . 24.92 -11.61 -3.67
O2A HEM I . 25.51 -10.14 -5.19
C1B HEM I . 16.97 -8.23 -6.87
C2B HEM I . 15.76 -8.49 -7.60
C3B HEM I . 14.78 -7.74 -7.03
C4B HEM I . 15.40 -7.01 -5.91
CMB HEM I . 15.59 -9.41 -8.81
CAB HEM I . 13.50 -7.64 -7.56
CBB HEM I . 12.29 -7.90 -6.86
C1C HEM I . 15.37 -5.25 -4.13
C2C HEM I . 14.73 -4.13 -3.44
C3C HEM I . 15.62 -3.64 -2.54
C4C HEM I . 16.84 -4.43 -2.70
CMC HEM I . 13.36 -3.54 -3.76
CAC HEM I . 15.41 -2.61 -1.61
CBC HEM I . 15.09 -1.23 -1.93
C1D HEM I . 19.25 -4.82 -2.28
C2D HEM I . 20.48 -4.56 -1.54
C3D HEM I . 21.40 -5.43 -2.03
C4D HEM I . 20.75 -6.22 -3.06
CMD HEM I . 20.68 -3.55 -0.41
CAD HEM I . 22.83 -5.51 -1.50
CBD HEM I . 23.85 -4.88 -2.42
CGD HEM I . 25.18 -4.66 -1.72
O1D HEM I . 25.26 -3.75 -0.86
O2D HEM I . 26.15 -5.38 -2.03
NA HEM I . 19.52 -7.73 -5.36
NB HEM I . 16.75 -7.30 -5.84
NC HEM I . 16.69 -5.38 -3.71
ND HEM I . 19.43 -5.81 -3.24
FE HEM I . 18.09 -6.57 -4.53
C CMO J . 8.88 9.85 14.89
O CMO J . 8.80 9.13 15.88
CHA HEM K . 11.72 12.59 14.61
CHB HEM K . 6.92 13.21 14.32
CHC HEM K . 6.47 8.89 12.15
CHD HEM K . 11.30 8.27 12.44
C1A HEM K . 10.44 13.12 14.77
C2A HEM K . 10.09 14.31 15.51
C3A HEM K . 8.76 14.47 15.42
C4A HEM K . 8.27 13.38 14.63
CMA HEM K . 7.98 15.69 15.90
CAA HEM K . 11.04 15.34 16.12
CBA HEM K . 11.60 16.22 15.01
CGA HEM K . 12.58 17.25 15.54
O1A HEM K . 13.45 16.88 16.37
O2A HEM K . 12.50 18.43 15.13
C1B HEM K . 6.39 12.10 13.67
C2B HEM K . 5.00 11.96 13.32
C3B HEM K . 4.85 10.74 12.73
C4B HEM K . 6.17 10.16 12.67
CMB HEM K . 3.91 13.01 13.51
CAB HEM K . 3.67 10.16 12.24
CBB HEM K . 2.48 10.01 13.05
C1C HEM K . 7.76 8.30 12.09
C2C HEM K . 8.04 6.96 11.62
C3C HEM K . 9.40 6.77 11.70
C4C HEM K . 9.94 8.03 12.21
CMC HEM K . 6.99 5.98 11.08
CAC HEM K . 10.17 5.61 11.44
CBC HEM K . 9.70 4.24 11.61
C1D HEM K . 11.84 9.40 13.06
C2D HEM K . 13.25 9.61 13.30
C3D HEM K . 13.36 10.81 13.89
C4D HEM K . 12.02 11.36 14.02
CMD HEM K . 14.39 8.67 12.90
CAD HEM K . 14.64 11.49 14.34
CBD HEM K . 15.06 10.92 15.68
CGD HEM K . 16.37 11.49 16.18
O1D HEM K . 16.33 12.53 16.87
O2D HEM K . 17.42 10.92 15.85
NA HEM K . 9.31 12.54 14.26
NB HEM K . 7.11 11.02 13.23
NC HEM K . 8.93 8.95 12.46
ND HEM K . 11.10 10.49 13.49
FE HEM K . 9.13 10.79 13.28
C4 E0J L . -5.35 9.07 2.54
C1 E0J L . -7.14 12.52 2.72
C2 E0J L . -6.04 11.48 2.55
C3 E0J L . -6.35 10.10 2.69
C5 E0J L . -4.00 9.48 2.25
C6 E0J L . -3.68 10.85 2.11
C7 E0J L . -4.68 11.87 2.26
C9 E0J L . -6.68 7.32 3.63
C11 E0J L . -3.03 13.83 2.43
C13 E0J L . -2.30 15.76 0.89
C12 E0J L . -3.01 15.31 2.06
C15 E0J L . -3.00 18.10 1.41
C14 E0J L . -2.29 17.16 0.57
O8 E0J L . -5.65 7.69 2.67
O10 E0J L . -4.35 13.26 2.12
C16 E0J L . -3.71 17.61 2.58
N17 E0J L . -3.69 16.24 2.86
C CMO M . -14.63 -12.54 5.88
O CMO M . -15.22 -11.69 6.52
CHA HEM N . -16.33 -15.62 3.91
CHB HEM N . -12.81 -15.81 7.22
CHC HEM N . -10.89 -11.68 5.52
CHD HEM N . -14.60 -11.33 2.37
C1A HEM N . -15.56 -16.02 5.01
C2A HEM N . -15.81 -17.17 5.87
C3A HEM N . -14.84 -17.18 6.81
C4A HEM N . -13.97 -16.08 6.52
CMA HEM N . -14.69 -18.12 8.00
CAA HEM N . -16.95 -18.16 5.73
CBA HEM N . -16.60 -19.17 4.66
CGA HEM N . -17.78 -20.05 4.30
O1A HEM N . -18.26 -20.79 5.20
O2A HEM N . -18.21 -20.02 3.13
C1B HEM N . -11.97 -14.74 7.03
C2B HEM N . -10.78 -14.50 7.81
C3B HEM N . -10.22 -13.35 7.37
C4B HEM N . -11.08 -12.86 6.28
CMB HEM N . -10.17 -15.49 8.81
CAB HEM N . -9.07 -12.82 7.96
CBB HEM N . -8.02 -12.05 7.36
C1C HEM N . -11.77 -11.20 4.51
C2C HEM N . -11.63 -9.94 3.82
C3C HEM N . -12.66 -9.84 2.93
C4C HEM N . -13.47 -11.03 3.11
CMC HEM N . -10.56 -8.88 4.09
CAC HEM N . -12.88 -8.86 1.97
CBC HEM N . -12.77 -7.46 2.23
C1D HEM N . -15.38 -12.48 2.51
C2D HEM N . -16.57 -12.75 1.73
C3D HEM N . -17.01 -13.96 2.17
C4D HEM N . -16.14 -14.42 3.20
CMD HEM N . -17.24 -11.87 0.65
CAD HEM N . -18.28 -14.68 1.74
CBD HEM N . -19.41 -13.92 2.37
CGD HEM N . -20.76 -14.44 1.92
O1D HEM N . -21.15 -15.54 2.38
O2D HEM N . -21.40 -13.76 1.10
NA HEM N . -14.43 -15.34 5.44
NB HEM N . -12.14 -13.74 6.09
NC HEM N . -12.92 -11.86 4.07
ND HEM N . -15.14 -13.49 3.42
FE HEM N . -13.62 -13.62 4.72
#